data_6RTR
#
_entry.id   6RTR
#
_cell.length_a   110.720
_cell.length_b   130.370
_cell.length_c   157.100
_cell.angle_alpha   90.00
_cell.angle_beta   90.00
_cell.angle_gamma   90.00
#
_symmetry.space_group_name_H-M   'C 2 2 21'
#
loop_
_entity.id
_entity.type
_entity.pdbx_description
1 polymer 'Semialdehyde dehydrogenase Pcd'
2 non-polymer 'SULFATE ION'
3 non-polymer GLYCEROL
4 non-polymer 'ACETATE ION'
5 water water
#
_entity_poly.entity_id   1
_entity_poly.type   'polypeptide(L)'
_entity_poly.pdbx_seq_one_letter_code
;MVTAAISGTDEIRARAEQALTRCGVDLTAVKGDALTARTPLTGADLFGLRAQTPEDVDRAVEAAHTAFLTWRTTPAPVRG
ALVKRFGELLTEHKQDLADLVTIEAGKIRSEALGEVQEMIDICDFAVGLSRQLYGRTMPTERPGHRLMETWHPLGVVGVI
SAFNFPVAVWAWNAAVALVCGDTVVWKPSELTPLTALACAALLDLAIADAGAPKGLNQVVVGAADVGERLVDSPRVPLVS
ATGSTRMGRAVGPRVAARFGRTILELGGNNAAVVTPSADLDLTVNAAVFAAAGTAGQRCTTLRRLIVHEDIADTVVERLT
AAFERLPIGDPFQDTTLVGPLVNEAAFGRMREAVERATAEGGTLCAGGERQFPDAAPGAYYVRPALVRMPAQTAVVREET
FAPILYVLTYRDLDEAIRLNNEVPQGLSAGIFTADQSEAERFLAPDGADCGIANVNIGTSGAEIGGAFGGEKETGGGRES
GSDAWRAYMRRATNTVNYSGRVTLAQGVDFSQ
;
_entity_poly.pdbx_strand_id   A,B
#
# COMPACT_ATOMS: atom_id res chain seq x y z
N VAL A 2 21.11 -41.99 -16.40
CA VAL A 2 21.19 -40.69 -17.11
C VAL A 2 20.38 -40.68 -18.44
N THR A 3 19.27 -41.43 -18.52
CA THR A 3 18.47 -41.48 -19.77
C THR A 3 16.93 -41.54 -19.58
N ALA A 4 16.21 -41.02 -20.59
CA ALA A 4 14.76 -40.72 -20.45
C ALA A 4 13.98 -40.70 -21.76
N ALA A 5 12.78 -41.28 -21.71
CA ALA A 5 11.79 -41.25 -22.80
C ALA A 5 10.89 -40.02 -22.60
N ILE A 6 10.78 -39.19 -23.61
CA ILE A 6 9.98 -37.93 -23.53
C ILE A 6 8.78 -38.04 -24.46
N SER A 7 7.62 -37.63 -23.97
CA SER A 7 6.41 -37.54 -24.79
C SER A 7 6.61 -36.77 -26.07
N GLY A 8 5.96 -37.19 -27.16
CA GLY A 8 6.02 -36.45 -28.41
C GLY A 8 5.10 -35.25 -28.45
N THR A 9 5.44 -34.25 -29.24
CA THR A 9 4.64 -33.03 -29.35
C THR A 9 3.20 -33.37 -29.71
N ASP A 10 3.02 -34.31 -30.63
CA ASP A 10 1.68 -34.72 -31.04
C ASP A 10 0.85 -35.34 -29.90
N GLU A 11 1.46 -36.17 -29.08
CA GLU A 11 0.80 -36.81 -27.94
C GLU A 11 0.42 -35.72 -26.94
N ILE A 12 1.33 -34.76 -26.81
CA ILE A 12 1.10 -33.61 -25.86
C ILE A 12 -0.06 -32.78 -26.35
N ARG A 13 -0.08 -32.46 -27.64
CA ARG A 13 -1.15 -31.67 -28.26
C ARG A 13 -2.49 -32.36 -28.05
N ALA A 14 -2.53 -33.68 -28.25
CA ALA A 14 -3.81 -34.40 -28.12
C ALA A 14 -4.33 -34.33 -26.69
N ARG A 15 -3.41 -34.47 -25.74
CA ARG A 15 -3.77 -34.39 -24.30
C ARG A 15 -4.27 -32.98 -23.98
N ALA A 16 -3.58 -31.93 -24.49
CA ALA A 16 -4.01 -30.52 -24.29
C ALA A 16 -5.40 -30.30 -24.84
N GLU A 17 -5.65 -30.78 -26.07
CA GLU A 17 -6.95 -30.63 -26.68
C GLU A 17 -8.08 -31.30 -25.90
N GLN A 18 -7.84 -32.51 -25.44
CA GLN A 18 -8.77 -33.26 -24.63
C GLN A 18 -9.09 -32.48 -23.35
N ALA A 19 -8.05 -32.03 -22.67
CA ALA A 19 -8.23 -31.24 -21.42
C ALA A 19 -9.05 -29.97 -21.63
N LEU A 20 -8.71 -29.20 -22.65
CA LEU A 20 -9.40 -27.96 -22.99
C LEU A 20 -10.89 -28.23 -23.26
N THR A 21 -11.17 -29.26 -24.04
CA THR A 21 -12.56 -29.59 -24.40
C THR A 21 -13.35 -30.03 -23.18
N ARG A 22 -12.74 -30.81 -22.32
CA ARG A 22 -13.38 -31.22 -21.08
C ARG A 22 -13.68 -30.05 -20.13
N CYS A 23 -12.80 -29.05 -20.12
CA CYS A 23 -13.01 -27.80 -19.34
C CYS A 23 -13.97 -26.84 -19.98
N GLY A 24 -14.54 -27.21 -21.13
CA GLY A 24 -15.51 -26.41 -21.84
C GLY A 24 -15.01 -25.34 -22.75
N VAL A 25 -13.75 -25.43 -23.18
CA VAL A 25 -13.22 -24.50 -24.15
C VAL A 25 -13.70 -24.94 -25.53
N ASP A 26 -14.13 -23.98 -26.33
CA ASP A 26 -14.43 -24.19 -27.76
C ASP A 26 -13.13 -23.98 -28.55
N LEU A 27 -12.54 -25.07 -28.99
CA LEU A 27 -11.25 -25.00 -29.66
C LEU A 27 -11.32 -24.20 -30.95
N THR A 28 -12.41 -24.34 -31.70
CA THR A 28 -12.57 -23.59 -32.96
C THR A 28 -12.56 -22.08 -32.71
N ALA A 29 -13.19 -21.64 -31.63
CA ALA A 29 -13.27 -20.24 -31.28
C ALA A 29 -11.96 -19.63 -30.80
N VAL A 30 -11.11 -20.39 -30.10
CA VAL A 30 -9.83 -19.83 -29.56
C VAL A 30 -8.62 -19.99 -30.49
N LYS A 31 -8.69 -20.98 -31.36
CA LYS A 31 -7.63 -21.22 -32.35
C LYS A 31 -7.55 -20.11 -33.37
N GLY A 32 -6.36 -19.92 -33.94
CA GLY A 32 -6.06 -18.81 -34.84
C GLY A 32 -4.60 -18.87 -35.25
N ASP A 33 -4.07 -17.75 -35.72
CA ASP A 33 -2.69 -17.71 -36.27
C ASP A 33 -1.90 -16.51 -35.77
N ALA A 34 -2.37 -15.86 -34.72
CA ALA A 34 -1.68 -14.69 -34.18
C ALA A 34 -0.58 -15.08 -33.20
N LEU A 35 -0.88 -16.02 -32.31
CA LEU A 35 0.01 -16.43 -31.25
C LEU A 35 0.06 -17.94 -31.28
N THR A 36 0.91 -18.52 -30.44
CA THR A 36 1.00 -19.97 -30.44
C THR A 36 1.03 -20.48 -29.01
N ALA A 37 0.29 -21.53 -28.74
CA ALA A 37 0.51 -22.33 -27.53
C ALA A 37 1.75 -23.21 -27.71
N ARG A 38 2.44 -23.52 -26.61
CA ARG A 38 3.70 -24.26 -26.70
C ARG A 38 3.84 -25.16 -25.50
N THR A 39 4.87 -26.01 -25.53
CA THR A 39 5.19 -26.88 -24.39
C THR A 39 6.67 -26.93 -24.14
N PRO A 40 7.11 -26.74 -22.90
CA PRO A 40 8.53 -26.92 -22.61
C PRO A 40 8.96 -28.40 -22.61
N LEU A 41 8.03 -29.33 -22.66
CA LEU A 41 8.38 -30.75 -22.61
C LEU A 41 9.22 -31.12 -23.84
N THR A 42 8.87 -30.49 -24.97
CA THR A 42 9.62 -30.67 -26.24
C THR A 42 10.09 -29.39 -26.83
N GLY A 43 9.69 -28.24 -26.29
CA GLY A 43 10.03 -27.00 -26.89
C GLY A 43 9.19 -26.52 -28.06
N ALA A 44 8.21 -27.32 -28.47
CA ALA A 44 7.54 -27.08 -29.73
C ALA A 44 6.26 -26.31 -29.54
N ASP A 45 5.83 -25.72 -30.63
CA ASP A 45 4.52 -25.16 -30.71
C ASP A 45 3.49 -26.26 -30.81
N LEU A 46 2.37 -26.08 -30.13
CA LEU A 46 1.28 -26.98 -30.18
C LEU A 46 0.29 -26.62 -31.27
N PHE A 47 -0.24 -25.40 -31.22
CA PHE A 47 -1.17 -24.88 -32.23
C PHE A 47 -1.31 -23.39 -32.06
N GLY A 48 -1.80 -22.74 -33.11
CA GLY A 48 -2.01 -21.32 -33.08
C GLY A 48 -3.28 -20.86 -32.38
N LEU A 49 -3.21 -19.65 -31.84
CA LEU A 49 -4.31 -19.04 -31.14
C LEU A 49 -4.61 -17.66 -31.71
N ARG A 50 -5.87 -17.28 -31.59
CA ARG A 50 -6.31 -15.90 -31.76
C ARG A 50 -5.76 -15.04 -30.61
N ALA A 51 -5.47 -13.79 -30.91
CA ALA A 51 -5.00 -12.83 -29.93
C ALA A 51 -5.96 -11.65 -29.80
N GLN A 52 -5.91 -11.02 -28.64
CA GLN A 52 -6.55 -9.74 -28.44
C GLN A 52 -5.58 -8.63 -28.83
N THR A 53 -6.16 -7.55 -29.33
CA THR A 53 -5.45 -6.30 -29.53
C THR A 53 -5.54 -5.40 -28.28
N PRO A 54 -4.71 -4.34 -28.20
CA PRO A 54 -4.87 -3.36 -27.09
C PRO A 54 -6.27 -2.76 -27.02
N GLU A 55 -6.89 -2.57 -28.17
CA GLU A 55 -8.25 -2.07 -28.24
C GLU A 55 -9.22 -3.07 -27.60
N ASP A 56 -8.97 -4.38 -27.81
CA ASP A 56 -9.81 -5.42 -27.20
C ASP A 56 -9.63 -5.39 -25.67
N VAL A 57 -8.43 -5.05 -25.20
CA VAL A 57 -8.17 -4.95 -23.74
C VAL A 57 -9.03 -3.86 -23.18
N ASP A 58 -9.02 -2.70 -23.82
CA ASP A 58 -9.89 -1.66 -23.35
C ASP A 58 -11.40 -2.03 -23.37
N ARG A 59 -11.87 -2.70 -24.41
CA ARG A 59 -13.22 -3.23 -24.44
C ARG A 59 -13.50 -4.21 -23.25
N ALA A 60 -12.53 -5.04 -22.93
CA ALA A 60 -12.67 -5.99 -21.85
C ALA A 60 -12.77 -5.29 -20.51
N VAL A 61 -11.91 -4.31 -20.29
CA VAL A 61 -11.94 -3.53 -19.05
C VAL A 61 -13.25 -2.83 -18.90
N GLU A 62 -13.77 -2.22 -19.99
CA GLU A 62 -15.06 -1.55 -19.82
C GLU A 62 -16.18 -2.51 -19.52
N ALA A 63 -16.15 -3.71 -20.12
CA ALA A 63 -17.20 -4.71 -19.85
C ALA A 63 -17.08 -5.18 -18.38
N ALA A 64 -15.86 -5.32 -17.92
CA ALA A 64 -15.61 -5.73 -16.52
C ALA A 64 -16.09 -4.64 -15.56
N HIS A 65 -15.93 -3.38 -15.95
CA HIS A 65 -16.48 -2.29 -15.12
C HIS A 65 -18.00 -2.30 -15.09
N THR A 66 -18.65 -2.57 -16.22
CA THR A 66 -20.11 -2.75 -16.20
C THR A 66 -20.53 -3.83 -15.25
N ALA A 67 -19.84 -4.95 -15.30
CA ALA A 67 -20.19 -6.06 -14.42
C ALA A 67 -20.00 -5.64 -12.97
N PHE A 68 -18.92 -4.93 -12.71
CA PHE A 68 -18.57 -4.40 -11.36
C PHE A 68 -19.74 -3.57 -10.82
N LEU A 69 -20.36 -2.74 -11.67
CA LEU A 69 -21.44 -1.90 -11.18
C LEU A 69 -22.62 -2.71 -10.63
N THR A 70 -22.85 -3.94 -11.14
CA THR A 70 -23.84 -4.83 -10.55
C THR A 70 -23.27 -5.65 -9.39
N TRP A 71 -22.08 -6.19 -9.57
CA TRP A 71 -21.49 -7.08 -8.60
C TRP A 71 -21.20 -6.42 -7.25
N ARG A 72 -20.84 -5.13 -7.26
CA ARG A 72 -20.48 -4.45 -6.02
C ARG A 72 -21.67 -4.27 -5.06
N THR A 73 -22.91 -4.35 -5.56
CA THR A 73 -24.08 -4.33 -4.68
C THR A 73 -24.72 -5.71 -4.53
N THR A 74 -24.14 -6.73 -5.14
CA THR A 74 -24.54 -8.08 -4.87
C THR A 74 -23.97 -8.52 -3.54
N PRO A 75 -24.82 -9.01 -2.59
CA PRO A 75 -24.29 -9.30 -1.27
C PRO A 75 -23.09 -10.23 -1.24
N ALA A 76 -22.08 -9.90 -0.43
CA ALA A 76 -20.83 -10.72 -0.45
C ALA A 76 -21.09 -12.23 -0.31
N PRO A 77 -22.01 -12.66 0.56
CA PRO A 77 -22.28 -14.10 0.62
C PRO A 77 -22.83 -14.70 -0.66
N VAL A 78 -23.58 -13.94 -1.48
CA VAL A 78 -24.04 -14.38 -2.77
C VAL A 78 -22.83 -14.45 -3.70
N ARG A 79 -21.94 -13.48 -3.61
CA ARG A 79 -20.69 -13.51 -4.39
C ARG A 79 -19.87 -14.75 -4.03
N GLY A 80 -19.84 -15.09 -2.75
CA GLY A 80 -19.17 -16.33 -2.33
C GLY A 80 -19.79 -17.58 -2.90
N ALA A 81 -21.11 -17.61 -3.10
CA ALA A 81 -21.77 -18.79 -3.69
C ALA A 81 -21.23 -19.05 -5.11
N LEU A 82 -20.90 -17.99 -5.85
CA LEU A 82 -20.31 -18.15 -7.17
C LEU A 82 -18.99 -18.85 -7.03
N VAL A 83 -18.18 -18.33 -6.12
CA VAL A 83 -16.83 -18.87 -5.92
C VAL A 83 -16.92 -20.33 -5.44
N LYS A 84 -17.91 -20.66 -4.59
CA LYS A 84 -18.12 -22.06 -4.20
C LYS A 84 -18.41 -22.96 -5.40
N ARG A 85 -19.27 -22.51 -6.29
CA ARG A 85 -19.58 -23.26 -7.52
C ARG A 85 -18.34 -23.44 -8.37
N PHE A 86 -17.53 -22.40 -8.47
CA PHE A 86 -16.30 -22.52 -9.24
C PHE A 86 -15.38 -23.54 -8.62
N GLY A 87 -15.25 -23.58 -7.30
CA GLY A 87 -14.40 -24.57 -6.64
C GLY A 87 -14.88 -26.00 -6.91
N GLU A 88 -16.17 -26.19 -6.99
CA GLU A 88 -16.78 -27.49 -7.36
C GLU A 88 -16.37 -27.94 -8.76
N LEU A 89 -16.39 -27.03 -9.71
CA LEU A 89 -15.96 -27.31 -11.08
C LEU A 89 -14.47 -27.58 -11.15
N LEU A 90 -13.66 -26.87 -10.38
CA LEU A 90 -12.22 -27.13 -10.33
C LEU A 90 -12.00 -28.53 -9.78
N THR A 91 -12.75 -28.89 -8.74
CA THR A 91 -12.64 -30.22 -8.19
C THR A 91 -12.95 -31.31 -9.23
N GLU A 92 -14.04 -31.12 -9.98
CA GLU A 92 -14.49 -32.04 -11.00
C GLU A 92 -13.46 -32.17 -12.14
N HIS A 93 -12.72 -31.10 -12.43
CA HIS A 93 -11.78 -31.10 -13.56
C HIS A 93 -10.34 -31.00 -13.14
N LYS A 94 -10.04 -31.38 -11.90
CA LYS A 94 -8.74 -31.20 -11.33
C LYS A 94 -7.65 -31.85 -12.22
N GLN A 95 -7.91 -33.09 -12.64
CA GLN A 95 -6.90 -33.85 -13.42
C GLN A 95 -6.70 -33.23 -14.80
N ASP A 96 -7.79 -32.77 -15.40
CA ASP A 96 -7.72 -32.09 -16.71
C ASP A 96 -6.89 -30.80 -16.62
N LEU A 97 -7.20 -29.97 -15.62
CA LEU A 97 -6.41 -28.77 -15.44
C LEU A 97 -4.96 -29.01 -15.11
N ALA A 98 -4.68 -29.99 -14.25
CA ALA A 98 -3.34 -30.32 -13.93
C ALA A 98 -2.58 -30.77 -15.20
N ASP A 99 -3.27 -31.46 -16.10
CA ASP A 99 -2.61 -31.84 -17.39
C ASP A 99 -2.09 -30.60 -18.10
N LEU A 100 -2.94 -29.57 -18.21
CA LEU A 100 -2.55 -28.34 -18.87
C LEU A 100 -1.37 -27.64 -18.19
N VAL A 101 -1.38 -27.63 -16.85
CA VAL A 101 -0.28 -27.05 -16.08
C VAL A 101 1.07 -27.76 -16.36
N THR A 102 1.02 -29.09 -16.39
CA THR A 102 2.24 -29.85 -16.73
C THR A 102 2.66 -29.48 -18.14
N ILE A 103 1.72 -29.45 -19.07
CA ILE A 103 2.02 -29.18 -20.49
C ILE A 103 2.66 -27.84 -20.73
N GLU A 104 2.15 -26.80 -20.09
CA GLU A 104 2.61 -25.46 -20.33
C GLU A 104 3.74 -25.00 -19.44
N ALA A 105 3.73 -25.38 -18.17
CA ALA A 105 4.77 -24.94 -17.26
C ALA A 105 5.88 -25.98 -17.08
N GLY A 106 5.64 -27.22 -17.52
CA GLY A 106 6.62 -28.29 -17.36
C GLY A 106 6.76 -28.91 -16.00
N LYS A 107 5.83 -28.60 -15.10
CA LYS A 107 5.81 -29.17 -13.76
C LYS A 107 5.49 -30.62 -13.71
N ILE A 108 6.10 -31.34 -12.79
CA ILE A 108 5.72 -32.72 -12.54
C ILE A 108 4.27 -32.83 -12.09
N ARG A 109 3.69 -33.98 -12.37
CA ARG A 109 2.29 -34.27 -12.15
C ARG A 109 1.87 -33.92 -10.73
N SER A 110 2.59 -34.36 -9.74
CA SER A 110 2.16 -34.13 -8.36
C SER A 110 2.17 -32.61 -8.03
N GLU A 111 3.12 -31.86 -8.58
CA GLU A 111 3.11 -30.38 -8.42
C GLU A 111 2.00 -29.70 -9.16
N ALA A 112 1.68 -30.18 -10.37
CA ALA A 112 0.54 -29.65 -11.10
C ALA A 112 -0.76 -29.90 -10.40
N LEU A 113 -0.93 -31.09 -9.85
CA LEU A 113 -2.14 -31.39 -9.07
C LEU A 113 -2.21 -30.49 -7.86
N GLY A 114 -1.08 -30.30 -7.20
CA GLY A 114 -0.95 -29.42 -6.00
C GLY A 114 -1.33 -27.99 -6.32
N GLU A 115 -0.92 -27.51 -7.48
CA GLU A 115 -1.29 -26.14 -7.89
C GLU A 115 -2.78 -26.03 -8.11
N VAL A 116 -3.41 -27.02 -8.73
CA VAL A 116 -4.84 -26.95 -8.91
C VAL A 116 -5.55 -27.05 -7.55
N GLN A 117 -5.05 -27.93 -6.68
CA GLN A 117 -5.63 -28.00 -5.33
C GLN A 117 -5.54 -26.67 -4.57
N GLU A 118 -4.47 -25.92 -4.79
CA GLU A 118 -4.34 -24.60 -4.18
C GLU A 118 -5.49 -23.69 -4.63
N MET A 119 -5.88 -23.79 -5.91
CA MET A 119 -7.03 -23.05 -6.40
C MET A 119 -8.30 -23.41 -5.64
N ILE A 120 -8.52 -24.69 -5.47
CA ILE A 120 -9.71 -25.22 -4.76
C ILE A 120 -9.68 -24.71 -3.31
N ASP A 121 -8.52 -24.80 -2.68
CA ASP A 121 -8.32 -24.32 -1.27
C ASP A 121 -8.57 -22.81 -1.11
N ILE A 122 -8.12 -21.99 -2.08
CA ILE A 122 -8.39 -20.54 -1.95
C ILE A 122 -9.88 -20.29 -2.21
N CYS A 123 -10.54 -21.05 -3.06
CA CYS A 123 -11.99 -20.87 -3.23
C CYS A 123 -12.68 -21.15 -1.87
N ASP A 124 -12.29 -22.22 -1.18
CA ASP A 124 -12.87 -22.54 0.17
C ASP A 124 -12.63 -21.36 1.12
N PHE A 125 -11.43 -20.79 1.13
CA PHE A 125 -11.08 -19.71 2.02
C PHE A 125 -11.92 -18.49 1.71
N ALA A 126 -12.04 -18.22 0.41
CA ALA A 126 -12.76 -17.02 -0.05
C ALA A 126 -14.23 -17.09 0.28
N VAL A 127 -14.79 -18.28 0.23
CA VAL A 127 -16.19 -18.52 0.60
C VAL A 127 -16.38 -18.16 2.05
N GLY A 128 -15.45 -18.54 2.90
CA GLY A 128 -15.42 -18.08 4.30
C GLY A 128 -15.31 -16.56 4.45
N LEU A 129 -14.36 -15.96 3.73
CA LEU A 129 -14.19 -14.50 3.75
C LEU A 129 -15.43 -13.73 3.34
N SER A 130 -16.28 -14.33 2.51
CA SER A 130 -17.49 -13.64 2.00
C SER A 130 -18.45 -13.28 3.08
N ARG A 131 -18.33 -13.90 4.25
CA ARG A 131 -19.11 -13.46 5.40
C ARG A 131 -18.33 -12.67 6.42
N GLN A 132 -17.10 -12.29 6.10
CA GLN A 132 -16.25 -11.56 7.01
C GLN A 132 -15.94 -10.13 6.48
N LEU A 133 -14.96 -10.02 5.65
CA LEU A 133 -14.49 -8.76 5.14
C LEU A 133 -14.57 -7.67 6.20
N TYR A 134 -13.96 -7.97 7.33
CA TYR A 134 -14.26 -7.18 8.52
C TYR A 134 -13.65 -5.81 8.52
N GLY A 135 -14.51 -4.82 8.80
CA GLY A 135 -14.08 -3.53 9.29
C GLY A 135 -14.29 -3.46 10.80
N ARG A 136 -14.50 -2.26 11.36
CA ARG A 136 -14.48 -2.06 12.79
C ARG A 136 -15.58 -1.12 13.17
N THR A 137 -16.06 -1.25 14.38
CA THR A 137 -16.85 -0.21 15.00
C THR A 137 -16.01 0.23 16.21
N MET A 138 -16.07 1.52 16.55
CA MET A 138 -15.20 2.04 17.60
C MET A 138 -15.77 3.26 18.22
N PRO A 139 -15.32 3.60 19.42
CA PRO A 139 -15.86 4.79 20.07
C PRO A 139 -15.49 6.07 19.32
N THR A 140 -16.37 7.04 19.45
CA THR A 140 -16.05 8.41 19.07
C THR A 140 -15.93 9.33 20.29
N GLU A 141 -15.08 10.34 20.19
CA GLU A 141 -15.03 11.41 21.20
C GLU A 141 -16.23 12.33 21.25
N ARG A 142 -17.07 12.28 20.22
CA ARG A 142 -18.18 13.21 20.09
C ARG A 142 -19.44 12.62 20.72
N PRO A 143 -20.06 13.33 21.68
CA PRO A 143 -21.29 12.84 22.22
C PRO A 143 -22.42 12.70 21.14
N GLY A 144 -23.20 11.64 21.25
CA GLY A 144 -24.32 11.47 20.35
C GLY A 144 -23.92 11.24 18.87
N HIS A 145 -22.72 10.70 18.70
CA HIS A 145 -22.19 10.24 17.41
C HIS A 145 -21.81 8.75 17.50
N ARG A 146 -21.66 8.12 16.34
CA ARG A 146 -21.17 6.75 16.22
C ARG A 146 -20.08 6.80 15.16
N LEU A 147 -19.09 5.90 15.27
CA LEU A 147 -17.96 5.84 14.34
C LEU A 147 -17.76 4.39 13.93
N MET A 148 -17.49 4.20 12.64
CA MET A 148 -17.19 2.86 12.16
C MET A 148 -16.23 2.98 10.99
N GLU A 149 -15.65 1.84 10.63
CA GLU A 149 -14.87 1.67 9.43
C GLU A 149 -15.44 0.55 8.57
N THR A 150 -15.72 0.85 7.32
CA THR A 150 -16.38 -0.09 6.38
C THR A 150 -15.47 -0.33 5.19
N TRP A 151 -15.64 -1.48 4.55
CA TRP A 151 -14.83 -1.84 3.39
C TRP A 151 -15.75 -2.02 2.21
N HIS A 152 -15.36 -1.43 1.07
CA HIS A 152 -16.19 -1.48 -0.09
C HIS A 152 -15.44 -2.05 -1.28
N PRO A 153 -16.19 -2.63 -2.21
CA PRO A 153 -15.55 -3.09 -3.46
C PRO A 153 -14.83 -1.94 -4.21
N LEU A 154 -13.71 -2.27 -4.80
CA LEU A 154 -12.81 -1.31 -5.38
C LEU A 154 -13.09 -1.06 -6.89
N GLY A 155 -13.19 -2.13 -7.69
CA GLY A 155 -13.38 -1.98 -9.15
C GLY A 155 -12.72 -3.13 -9.89
N VAL A 156 -12.31 -2.84 -11.11
CA VAL A 156 -11.67 -3.85 -11.93
C VAL A 156 -10.24 -4.07 -11.49
N VAL A 157 -9.87 -5.35 -11.32
CA VAL A 157 -8.55 -5.74 -10.95
C VAL A 157 -7.85 -6.39 -12.15
N GLY A 158 -6.70 -5.84 -12.49
CA GLY A 158 -5.85 -6.41 -13.54
C GLY A 158 -4.90 -7.39 -12.95
N VAL A 159 -4.88 -8.60 -13.50
CA VAL A 159 -4.02 -9.67 -13.01
C VAL A 159 -3.00 -10.03 -14.06
N ILE A 160 -1.72 -9.85 -13.73
CA ILE A 160 -0.61 -10.22 -14.61
C ILE A 160 0.14 -11.38 -13.95
N SER A 161 0.07 -12.56 -14.59
CA SER A 161 0.68 -13.76 -14.00
C SER A 161 1.85 -14.26 -14.87
N ALA A 162 2.63 -15.14 -14.30
CA ALA A 162 3.84 -15.65 -14.94
C ALA A 162 3.63 -17.08 -15.35
N PHE A 163 4.61 -17.64 -16.07
CA PHE A 163 4.45 -18.96 -16.55
C PHE A 163 4.51 -20.06 -15.49
N ASN A 164 5.15 -19.74 -14.37
CA ASN A 164 5.56 -20.76 -13.46
C ASN A 164 4.49 -21.27 -12.52
N PHE A 165 3.51 -20.39 -12.20
CA PHE A 165 2.28 -20.77 -11.48
C PHE A 165 1.15 -20.25 -12.33
N PRO A 166 0.84 -20.96 -13.42
CA PRO A 166 -0.09 -20.43 -14.41
C PRO A 166 -1.54 -20.43 -14.00
N VAL A 167 -1.89 -21.08 -12.88
CA VAL A 167 -3.30 -21.07 -12.46
C VAL A 167 -3.46 -20.60 -11.02
N ALA A 168 -2.51 -20.90 -10.13
CA ALA A 168 -2.79 -20.58 -8.69
C ALA A 168 -2.72 -19.09 -8.40
N VAL A 169 -1.81 -18.38 -9.04
CA VAL A 169 -1.68 -16.94 -8.82
C VAL A 169 -2.97 -16.22 -9.23
N TRP A 170 -3.48 -16.51 -10.41
CA TRP A 170 -4.78 -15.98 -10.79
C TRP A 170 -5.85 -16.37 -9.81
N ALA A 171 -5.88 -17.62 -9.36
CA ALA A 171 -6.91 -18.06 -8.44
C ALA A 171 -6.84 -17.26 -7.13
N TRP A 172 -5.65 -17.04 -6.58
CA TRP A 172 -5.48 -16.29 -5.33
C TRP A 172 -6.12 -14.92 -5.53
N ASN A 173 -5.83 -14.30 -6.67
CA ASN A 173 -6.38 -12.98 -6.98
C ASN A 173 -7.85 -12.97 -7.27
N ALA A 174 -8.32 -13.88 -8.12
CA ALA A 174 -9.72 -13.87 -8.57
C ALA A 174 -10.67 -14.35 -7.51
N ALA A 175 -10.36 -15.40 -6.76
CA ALA A 175 -11.30 -15.84 -5.72
C ALA A 175 -11.53 -14.71 -4.70
N VAL A 176 -10.44 -14.09 -4.28
CA VAL A 176 -10.49 -13.00 -3.30
C VAL A 176 -11.18 -11.80 -3.94
N ALA A 177 -10.74 -11.36 -5.11
CA ALA A 177 -11.35 -10.20 -5.76
C ALA A 177 -12.84 -10.39 -5.97
N LEU A 178 -13.29 -11.56 -6.42
CA LEU A 178 -14.69 -11.77 -6.68
C LEU A 178 -15.49 -11.66 -5.39
N VAL A 179 -15.05 -12.28 -4.32
CA VAL A 179 -15.83 -12.20 -3.09
C VAL A 179 -15.82 -10.78 -2.51
N CYS A 180 -14.77 -9.99 -2.82
CA CYS A 180 -14.65 -8.57 -2.45
C CYS A 180 -15.47 -7.63 -3.32
N GLY A 181 -16.24 -8.18 -4.29
CA GLY A 181 -17.08 -7.42 -5.18
C GLY A 181 -16.39 -6.75 -6.34
N ASP A 182 -15.12 -7.15 -6.61
CA ASP A 182 -14.38 -6.68 -7.76
C ASP A 182 -14.64 -7.63 -8.96
N THR A 183 -14.20 -7.16 -10.13
CA THR A 183 -14.16 -7.96 -11.34
C THR A 183 -12.72 -8.01 -11.83
N VAL A 184 -12.43 -8.94 -12.72
CA VAL A 184 -11.04 -9.27 -13.04
C VAL A 184 -10.80 -9.30 -14.56
N VAL A 185 -9.71 -8.69 -14.97
CA VAL A 185 -9.16 -8.89 -16.31
C VAL A 185 -7.77 -9.48 -16.13
N TRP A 186 -7.58 -10.65 -16.71
CA TRP A 186 -6.38 -11.46 -16.54
C TRP A 186 -5.59 -11.51 -17.86
N LYS A 187 -4.36 -11.08 -17.76
CA LYS A 187 -3.33 -11.26 -18.80
C LYS A 187 -2.35 -12.35 -18.34
N PRO A 188 -2.58 -13.58 -18.80
CA PRO A 188 -1.63 -14.62 -18.49
C PRO A 188 -0.35 -14.48 -19.29
N SER A 189 0.68 -15.17 -18.82
CA SER A 189 1.97 -15.22 -19.52
C SER A 189 1.71 -15.61 -20.99
N GLU A 190 2.48 -15.00 -21.87
CA GLU A 190 2.48 -15.36 -23.28
C GLU A 190 2.92 -16.82 -23.45
N LEU A 191 3.64 -17.38 -22.48
CA LEU A 191 4.02 -18.78 -22.49
C LEU A 191 2.94 -19.76 -22.06
N THR A 192 1.87 -19.33 -21.36
CA THR A 192 0.92 -20.28 -20.81
C THR A 192 -0.56 -19.88 -21.01
N PRO A 193 -1.00 -19.61 -22.23
CA PRO A 193 -2.41 -19.24 -22.48
C PRO A 193 -3.46 -20.33 -22.23
N LEU A 194 -3.12 -21.58 -22.50
CA LEU A 194 -4.11 -22.63 -22.48
C LEU A 194 -4.69 -22.87 -21.09
N THR A 195 -3.84 -22.84 -20.09
CA THR A 195 -4.28 -23.01 -18.71
C THR A 195 -5.31 -21.92 -18.40
N ALA A 196 -5.01 -20.71 -18.87
CA ALA A 196 -5.91 -19.53 -18.59
C ALA A 196 -7.26 -19.72 -19.27
N LEU A 197 -7.24 -20.17 -20.52
CA LEU A 197 -8.46 -20.42 -21.26
C LEU A 197 -9.33 -21.47 -20.58
N ALA A 198 -8.69 -22.51 -20.05
CA ALA A 198 -9.44 -23.54 -19.37
C ALA A 198 -10.09 -22.99 -18.06
N CYS A 199 -9.27 -22.32 -17.24
CA CYS A 199 -9.75 -21.65 -16.02
C CYS A 199 -10.91 -20.74 -16.31
N ALA A 200 -10.77 -19.90 -17.33
CA ALA A 200 -11.84 -18.94 -17.65
C ALA A 200 -13.12 -19.62 -18.11
N ALA A 201 -13.00 -20.70 -18.88
CA ALA A 201 -14.18 -21.42 -19.32
C ALA A 201 -14.92 -22.08 -18.15
N LEU A 202 -14.19 -22.62 -17.21
CA LEU A 202 -14.83 -23.21 -16.00
C LEU A 202 -15.53 -22.11 -15.19
N LEU A 203 -14.85 -20.99 -15.02
CA LEU A 203 -15.49 -19.88 -14.27
C LEU A 203 -16.71 -19.36 -15.02
N ASP A 204 -16.66 -19.24 -16.37
CA ASP A 204 -17.85 -18.84 -17.14
C ASP A 204 -19.02 -19.80 -16.98
N LEU A 205 -18.79 -21.10 -16.79
CA LEU A 205 -19.87 -22.04 -16.54
C LEU A 205 -20.47 -21.79 -15.14
N ALA A 206 -19.61 -21.57 -14.14
CA ALA A 206 -20.08 -21.25 -12.82
C ALA A 206 -20.91 -19.98 -12.85
N ILE A 207 -20.45 -18.97 -13.57
CA ILE A 207 -21.17 -17.69 -13.72
C ILE A 207 -22.59 -17.95 -14.31
N ALA A 208 -22.63 -18.72 -15.38
CA ALA A 208 -23.90 -19.07 -16.04
C ALA A 208 -24.80 -19.84 -15.09
N ASP A 209 -24.27 -20.79 -14.34
CA ASP A 209 -25.07 -21.54 -13.36
C ASP A 209 -25.59 -20.63 -12.25
N ALA A 210 -24.78 -19.68 -11.82
CA ALA A 210 -25.17 -18.79 -10.73
C ALA A 210 -26.10 -17.66 -11.14
N GLY A 211 -26.26 -17.41 -12.44
CA GLY A 211 -26.94 -16.23 -12.94
C GLY A 211 -26.19 -14.94 -12.63
N ALA A 212 -24.87 -15.02 -12.52
CA ALA A 212 -24.06 -13.85 -12.19
C ALA A 212 -23.79 -13.05 -13.46
N PRO A 213 -23.26 -11.81 -13.31
CA PRO A 213 -22.95 -11.02 -14.50
C PRO A 213 -21.89 -11.66 -15.40
N LYS A 214 -22.10 -11.67 -16.71
CA LYS A 214 -21.11 -12.23 -17.63
C LYS A 214 -19.68 -11.68 -17.65
N GLY A 215 -19.51 -10.41 -17.39
CA GLY A 215 -18.17 -9.89 -17.41
C GLY A 215 -17.36 -9.92 -16.12
N LEU A 216 -17.67 -10.81 -15.19
CA LEU A 216 -16.86 -10.90 -13.97
C LEU A 216 -15.40 -11.21 -14.14
N ASN A 217 -15.06 -12.05 -15.12
CA ASN A 217 -13.70 -12.38 -15.39
C ASN A 217 -13.49 -12.54 -16.92
N GLN A 218 -12.41 -12.00 -17.42
CA GLN A 218 -12.05 -12.19 -18.83
C GLN A 218 -10.59 -12.40 -18.96
N VAL A 219 -10.20 -13.28 -19.90
CA VAL A 219 -8.78 -13.50 -20.18
C VAL A 219 -8.43 -12.77 -21.45
N VAL A 220 -7.34 -12.02 -21.42
CA VAL A 220 -6.82 -11.32 -22.62
C VAL A 220 -5.55 -12.03 -23.03
N VAL A 221 -5.57 -12.61 -24.23
CA VAL A 221 -4.46 -13.41 -24.77
C VAL A 221 -3.63 -12.51 -25.68
N GLY A 222 -2.38 -12.33 -25.39
CA GLY A 222 -1.57 -11.46 -26.24
C GLY A 222 -0.14 -11.38 -25.81
N ALA A 223 0.57 -10.46 -26.44
CA ALA A 223 1.97 -10.17 -26.13
C ALA A 223 2.04 -8.94 -25.23
N ALA A 224 3.20 -8.26 -25.20
CA ALA A 224 3.44 -7.23 -24.21
C ALA A 224 2.59 -5.97 -24.38
N ASP A 225 2.24 -5.58 -25.59
CA ASP A 225 1.40 -4.40 -25.77
C ASP A 225 -0.01 -4.57 -25.14
N VAL A 226 -0.51 -5.80 -25.14
CA VAL A 226 -1.76 -6.13 -24.43
C VAL A 226 -1.62 -5.91 -22.92
N GLY A 227 -0.52 -6.35 -22.34
CA GLY A 227 -0.32 -6.19 -20.88
C GLY A 227 -0.18 -4.72 -20.51
N GLU A 228 0.56 -3.97 -21.33
CA GLU A 228 0.79 -2.56 -21.06
C GLU A 228 -0.51 -1.77 -21.05
N ARG A 229 -1.42 -2.10 -21.97
CA ARG A 229 -2.67 -1.40 -22.04
C ARG A 229 -3.49 -1.67 -20.80
N LEU A 230 -3.44 -2.91 -20.32
CA LEU A 230 -4.12 -3.24 -19.08
C LEU A 230 -3.56 -2.45 -17.87
N VAL A 231 -2.23 -2.41 -17.72
CA VAL A 231 -1.54 -1.66 -16.65
C VAL A 231 -1.88 -0.18 -16.68
N ASP A 232 -1.99 0.37 -17.88
CA ASP A 232 -2.21 1.80 -18.02
C ASP A 232 -3.66 2.27 -17.93
N SER A 233 -4.62 1.36 -17.83
CA SER A 233 -6.04 1.74 -17.82
C SER A 233 -6.46 2.57 -16.60
N PRO A 234 -7.07 3.73 -16.83
CA PRO A 234 -7.67 4.46 -15.71
C PRO A 234 -8.86 3.77 -15.05
N ARG A 235 -9.44 2.75 -15.65
CA ARG A 235 -10.56 2.04 -15.05
C ARG A 235 -10.09 0.83 -14.22
N VAL A 236 -8.76 0.63 -14.04
CA VAL A 236 -8.24 -0.51 -13.30
C VAL A 236 -7.56 0.00 -12.03
N PRO A 237 -8.32 0.07 -10.92
CA PRO A 237 -7.71 0.66 -9.74
C PRO A 237 -6.64 -0.18 -9.05
N LEU A 238 -6.60 -1.49 -9.34
CA LEU A 238 -5.60 -2.36 -8.73
C LEU A 238 -4.99 -3.25 -9.81
N VAL A 239 -3.67 -3.27 -9.88
CA VAL A 239 -2.95 -4.20 -10.71
C VAL A 239 -2.13 -5.14 -9.79
N SER A 240 -2.36 -6.43 -9.95
CA SER A 240 -1.60 -7.43 -9.24
C SER A 240 -0.66 -8.08 -10.24
N ALA A 241 0.66 -7.91 -10.04
CA ALA A 241 1.67 -8.48 -10.98
C ALA A 241 2.64 -9.39 -10.20
N THR A 242 2.79 -10.61 -10.70
CA THR A 242 3.54 -11.65 -9.97
C THR A 242 4.51 -12.25 -10.95
N GLY A 243 5.70 -12.60 -10.46
CA GLY A 243 6.75 -13.17 -11.32
C GLY A 243 7.37 -12.09 -12.19
N ARG A 249 8.05 -5.07 -13.15
CA ARG A 249 9.19 -4.24 -12.70
C ARG A 249 8.96 -2.74 -12.94
N ALA A 250 8.50 -2.43 -14.15
CA ALA A 250 8.01 -1.11 -14.54
C ALA A 250 6.56 -0.82 -14.03
N VAL A 251 5.85 -1.85 -13.56
CA VAL A 251 4.41 -1.74 -13.23
C VAL A 251 4.20 -0.80 -12.04
N GLY A 252 5.03 -0.93 -11.00
CA GLY A 252 4.84 -0.07 -9.82
C GLY A 252 4.77 1.43 -10.10
N PRO A 253 5.80 1.99 -10.74
CA PRO A 253 5.79 3.42 -10.97
C PRO A 253 4.74 3.86 -11.97
N ARG A 254 4.47 3.07 -12.99
CA ARG A 254 3.43 3.45 -13.97
C ARG A 254 2.04 3.52 -13.37
N VAL A 255 1.75 2.58 -12.46
CA VAL A 255 0.45 2.57 -11.82
C VAL A 255 0.36 3.66 -10.78
N ALA A 256 1.47 3.90 -10.07
CA ALA A 256 1.49 4.98 -9.05
C ALA A 256 1.27 6.32 -9.75
N ALA A 257 1.77 6.46 -10.98
CA ALA A 257 1.61 7.72 -11.72
C ALA A 257 0.19 8.10 -12.02
N ARG A 258 -0.71 7.13 -12.13
CA ARG A 258 -2.11 7.39 -12.33
C ARG A 258 -2.92 7.15 -11.06
N PHE A 259 -2.22 7.09 -9.93
CA PHE A 259 -2.82 6.99 -8.60
C PHE A 259 -3.58 5.71 -8.43
N GLY A 260 -3.10 4.65 -9.09
CA GLY A 260 -3.61 3.30 -8.84
C GLY A 260 -2.84 2.59 -7.77
N ARG A 261 -3.30 1.38 -7.42
CA ARG A 261 -2.70 0.55 -6.44
C ARG A 261 -2.07 -0.68 -7.11
N THR A 262 -0.97 -1.17 -6.54
CA THR A 262 -0.38 -2.42 -7.01
C THR A 262 -0.13 -3.41 -5.90
N ILE A 263 -0.14 -4.68 -6.28
CA ILE A 263 0.32 -5.79 -5.48
C ILE A 263 1.42 -6.34 -6.34
N LEU A 264 2.68 -6.26 -5.86
CA LEU A 264 3.82 -6.74 -6.63
C LEU A 264 4.56 -7.86 -5.91
N GLU A 265 4.79 -8.94 -6.62
CA GLU A 265 5.66 -10.00 -6.11
C GLU A 265 6.56 -10.39 -7.26
N LEU A 266 7.79 -9.89 -7.21
CA LEU A 266 8.61 -9.80 -8.42
C LEU A 266 9.82 -10.71 -8.47
N GLY A 267 9.93 -11.62 -7.54
CA GLY A 267 10.97 -12.66 -7.58
C GLY A 267 11.61 -12.70 -6.22
N GLY A 268 12.54 -13.61 -6.08
CA GLY A 268 13.15 -13.87 -4.79
C GLY A 268 14.52 -14.50 -5.04
N ASN A 269 15.42 -14.27 -4.11
CA ASN A 269 16.74 -14.87 -4.11
C ASN A 269 16.97 -15.51 -2.76
N ASN A 270 16.26 -16.61 -2.54
CA ASN A 270 15.96 -17.07 -1.18
C ASN A 270 17.00 -17.94 -0.62
N ALA A 271 17.33 -17.71 0.67
CA ALA A 271 18.34 -18.45 1.38
C ALA A 271 17.83 -19.29 2.52
N ALA A 272 18.59 -20.32 2.88
CA ALA A 272 18.38 -21.02 4.12
C ALA A 272 19.72 -21.08 4.85
N VAL A 273 19.63 -20.92 6.15
CA VAL A 273 20.78 -21.01 7.05
C VAL A 273 20.78 -22.39 7.69
N VAL A 274 21.93 -23.08 7.66
CA VAL A 274 22.07 -24.38 8.27
C VAL A 274 23.06 -24.27 9.42
N THR A 275 22.55 -24.42 10.62
CA THR A 275 23.35 -24.27 11.82
C THR A 275 24.01 -25.59 12.22
N PRO A 276 24.96 -25.53 13.21
CA PRO A 276 25.61 -26.81 13.56
C PRO A 276 24.72 -27.86 14.16
N SER A 277 23.59 -27.47 14.77
CA SER A 277 22.70 -28.44 15.33
C SER A 277 21.57 -28.92 14.42
N ALA A 278 21.57 -28.46 13.18
CA ALA A 278 20.55 -28.88 12.20
C ALA A 278 20.48 -30.39 12.07
N ASP A 279 19.27 -30.89 11.96
CA ASP A 279 19.03 -32.31 11.61
C ASP A 279 19.38 -32.44 10.13
N LEU A 280 20.49 -33.12 9.82
CA LEU A 280 20.97 -33.13 8.43
C LEU A 280 20.12 -33.92 7.45
N ASP A 281 19.50 -35.00 7.89
CA ASP A 281 18.56 -35.71 7.05
C ASP A 281 17.36 -34.81 6.67
N LEU A 282 16.79 -34.15 7.68
CA LEU A 282 15.71 -33.20 7.42
C LEU A 282 16.20 -32.10 6.47
N THR A 283 17.35 -31.51 6.78
CA THR A 283 17.87 -30.40 6.03
C THR A 283 18.13 -30.71 4.55
N VAL A 284 18.77 -31.86 4.30
CA VAL A 284 19.10 -32.20 2.95
C VAL A 284 17.84 -32.44 2.15
N ASN A 285 16.89 -33.16 2.71
CA ASN A 285 15.62 -33.40 2.04
C ASN A 285 14.93 -32.07 1.73
N ALA A 286 14.84 -31.19 2.73
CA ALA A 286 14.16 -29.92 2.52
C ALA A 286 14.87 -29.06 1.48
N ALA A 287 16.19 -29.01 1.53
CA ALA A 287 16.96 -28.20 0.64
C ALA A 287 16.84 -28.71 -0.78
N VAL A 288 16.85 -30.03 -0.97
CA VAL A 288 16.76 -30.55 -2.33
C VAL A 288 15.41 -30.19 -2.96
N PHE A 289 14.31 -30.41 -2.24
CA PHE A 289 12.99 -30.03 -2.74
C PHE A 289 12.91 -28.56 -3.05
N ALA A 290 13.39 -27.72 -2.14
CA ALA A 290 13.28 -26.30 -2.31
C ALA A 290 14.19 -25.77 -3.45
N ALA A 291 15.35 -26.41 -3.68
CA ALA A 291 16.27 -25.94 -4.74
C ALA A 291 15.91 -26.49 -6.11
N ALA A 292 15.50 -27.77 -6.13
CA ALA A 292 15.28 -28.49 -7.39
C ALA A 292 13.85 -28.55 -7.85
N GLY A 293 12.88 -28.34 -6.92
CA GLY A 293 11.49 -28.39 -7.25
C GLY A 293 11.16 -27.39 -8.35
N THR A 294 10.28 -27.82 -9.29
CA THR A 294 9.85 -26.98 -10.37
C THR A 294 11.05 -26.53 -11.21
N ALA A 295 12.08 -27.36 -11.21
CA ALA A 295 13.34 -27.08 -11.90
C ALA A 295 13.89 -25.68 -11.51
N GLY A 296 13.76 -25.32 -10.20
CA GLY A 296 14.34 -24.08 -9.76
C GLY A 296 13.64 -22.82 -10.24
N GLN A 297 12.36 -22.99 -10.68
CA GLN A 297 11.63 -21.90 -11.31
C GLN A 297 10.44 -21.46 -10.47
N ARG A 298 10.59 -21.53 -9.16
CA ARG A 298 9.58 -20.89 -8.26
C ARG A 298 10.14 -19.55 -7.81
N CYS A 299 9.27 -18.57 -7.54
CA CYS A 299 9.75 -17.34 -6.99
C CYS A 299 10.39 -17.64 -5.59
N THR A 300 9.89 -18.68 -4.93
CA THR A 300 10.37 -19.13 -3.62
C THR A 300 11.47 -20.16 -3.65
N THR A 301 12.04 -20.43 -4.83
CA THR A 301 13.11 -21.42 -4.90
C THR A 301 14.29 -21.06 -3.99
N LEU A 302 14.89 -22.11 -3.45
CA LEU A 302 16.08 -21.98 -2.62
C LEU A 302 17.27 -21.78 -3.56
N ARG A 303 17.97 -20.67 -3.43
CA ARG A 303 19.12 -20.32 -4.31
C ARG A 303 20.40 -20.13 -3.55
N ARG A 304 20.34 -19.93 -2.25
CA ARG A 304 21.53 -19.71 -1.44
C ARG A 304 21.44 -20.53 -0.15
N LEU A 305 22.49 -21.28 0.15
CA LEU A 305 22.54 -22.05 1.37
C LEU A 305 23.70 -21.54 2.18
N ILE A 306 23.44 -21.12 3.40
CA ILE A 306 24.41 -20.42 4.23
C ILE A 306 24.68 -21.39 5.37
N VAL A 307 25.84 -22.07 5.33
CA VAL A 307 26.08 -23.22 6.16
C VAL A 307 27.23 -22.99 7.12
N HIS A 308 27.07 -23.43 8.37
CA HIS A 308 28.11 -23.17 9.38
C HIS A 308 29.38 -23.93 8.95
N GLU A 309 30.50 -23.26 9.11
CA GLU A 309 31.79 -23.85 8.73
C GLU A 309 32.05 -25.23 9.33
N ASP A 310 31.61 -25.51 10.55
CA ASP A 310 31.79 -26.85 11.17
C ASP A 310 31.14 -28.01 10.49
N ILE A 311 30.07 -27.77 9.71
CA ILE A 311 29.36 -28.81 9.03
C ILE A 311 29.30 -28.65 7.51
N ALA A 312 29.93 -27.64 6.97
CA ALA A 312 29.79 -27.31 5.56
C ALA A 312 30.28 -28.42 4.67
N ASP A 313 31.44 -29.01 4.99
CA ASP A 313 31.91 -30.11 4.14
C ASP A 313 30.95 -31.28 4.07
N THR A 314 30.40 -31.68 5.20
CA THR A 314 29.48 -32.80 5.19
C THR A 314 28.15 -32.48 4.50
N VAL A 315 27.68 -31.25 4.68
CA VAL A 315 26.45 -30.84 3.98
C VAL A 315 26.64 -30.82 2.49
N VAL A 316 27.76 -30.26 2.05
CA VAL A 316 28.08 -30.26 0.61
C VAL A 316 28.19 -31.69 0.06
N GLU A 317 28.82 -32.60 0.79
CA GLU A 317 28.93 -34.02 0.34
C GLU A 317 27.55 -34.62 0.11
N ARG A 318 26.67 -34.44 1.10
CA ARG A 318 25.36 -35.00 1.07
C ARG A 318 24.50 -34.38 -0.01
N LEU A 319 24.57 -33.05 -0.18
CA LEU A 319 23.81 -32.41 -1.25
C LEU A 319 24.35 -32.82 -2.61
N THR A 320 25.67 -33.00 -2.71
CA THR A 320 26.27 -33.50 -3.97
C THR A 320 25.69 -34.84 -4.38
N ALA A 321 25.64 -35.77 -3.43
CA ALA A 321 25.06 -37.09 -3.69
C ALA A 321 23.60 -37.01 -4.03
N ALA A 322 22.83 -36.16 -3.32
CA ALA A 322 21.40 -36.07 -3.60
C ALA A 322 21.13 -35.48 -4.98
N PHE A 323 21.87 -34.44 -5.36
CA PHE A 323 21.69 -33.82 -6.68
C PHE A 323 22.04 -34.77 -7.83
N GLU A 324 23.07 -35.58 -7.60
CA GLU A 324 23.44 -36.62 -8.55
C GLU A 324 22.38 -37.70 -8.71
N ARG A 325 21.56 -37.96 -7.70
CA ARG A 325 20.52 -38.98 -7.79
C ARG A 325 19.17 -38.45 -8.25
N LEU A 326 19.07 -37.16 -8.54
CA LEU A 326 17.75 -36.61 -8.90
C LEU A 326 17.27 -37.17 -10.23
N PRO A 327 16.05 -37.74 -10.28
CA PRO A 327 15.49 -38.21 -11.56
C PRO A 327 14.93 -37.09 -12.44
N ILE A 328 15.51 -36.91 -13.61
CA ILE A 328 15.18 -35.84 -14.50
C ILE A 328 14.52 -36.53 -15.68
N GLY A 329 13.41 -35.99 -16.14
CA GLY A 329 12.72 -36.57 -17.28
C GLY A 329 11.36 -36.00 -17.50
N ASP A 330 10.53 -36.76 -18.21
CA ASP A 330 9.21 -36.29 -18.65
C ASP A 330 8.35 -36.07 -17.40
N PRO A 331 7.78 -34.83 -17.27
CA PRO A 331 7.02 -34.55 -16.03
C PRO A 331 5.71 -35.32 -15.89
N PHE A 332 5.26 -36.00 -16.96
CA PHE A 332 4.12 -36.92 -16.85
C PHE A 332 4.46 -38.27 -16.24
N GLN A 333 5.74 -38.63 -16.17
CA GLN A 333 6.13 -39.91 -15.58
C GLN A 333 6.19 -39.78 -14.10
N ASP A 334 5.59 -40.72 -13.37
CA ASP A 334 5.60 -40.69 -11.89
C ASP A 334 6.99 -40.70 -11.26
N THR A 335 7.96 -41.30 -11.95
CA THR A 335 9.36 -41.30 -11.51
C THR A 335 10.09 -39.95 -11.55
N THR A 336 9.58 -39.00 -12.32
CA THR A 336 10.30 -37.76 -12.55
C THR A 336 10.17 -36.84 -11.34
N LEU A 337 11.27 -36.29 -10.86
CA LEU A 337 11.24 -35.18 -9.90
C LEU A 337 11.61 -33.83 -10.49
N VAL A 338 12.42 -33.78 -11.55
CA VAL A 338 12.81 -32.54 -12.21
C VAL A 338 12.39 -32.64 -13.66
N GLY A 339 11.48 -31.77 -14.07
CA GLY A 339 11.12 -31.58 -15.47
C GLY A 339 12.00 -30.54 -16.13
N PRO A 340 11.60 -30.06 -17.33
CA PRO A 340 12.47 -29.19 -18.09
C PRO A 340 12.41 -27.73 -17.60
N LEU A 341 13.42 -26.93 -17.96
CA LEU A 341 13.34 -25.47 -17.92
C LEU A 341 12.36 -24.98 -18.97
N VAL A 342 11.88 -23.74 -18.86
CA VAL A 342 10.78 -23.31 -19.71
C VAL A 342 11.16 -23.12 -21.19
N ASN A 343 12.36 -22.64 -21.46
CA ASN A 343 12.78 -22.34 -22.85
C ASN A 343 14.27 -22.23 -22.93
N GLU A 344 14.75 -22.04 -24.17
CA GLU A 344 16.20 -21.94 -24.38
C GLU A 344 16.86 -20.76 -23.65
N ALA A 345 16.17 -19.62 -23.64
CA ALA A 345 16.64 -18.42 -22.97
C ALA A 345 16.96 -18.73 -21.51
N ALA A 346 16.09 -19.51 -20.88
CA ALA A 346 16.32 -19.91 -19.47
C ALA A 346 17.55 -20.75 -19.28
N PHE A 347 17.73 -21.72 -20.17
CA PHE A 347 18.91 -22.53 -20.16
C PHE A 347 20.21 -21.70 -20.37
N GLY A 348 20.17 -20.78 -21.33
CA GLY A 348 21.30 -19.88 -21.58
C GLY A 348 21.71 -19.02 -20.39
N ARG A 349 20.70 -18.48 -19.70
CA ARG A 349 20.95 -17.72 -18.48
C ARG A 349 21.54 -18.61 -17.40
N MET A 350 21.07 -19.85 -17.25
CA MET A 350 21.62 -20.74 -16.29
C MET A 350 23.09 -21.04 -16.54
N ARG A 351 23.42 -21.35 -17.79
CA ARG A 351 24.80 -21.67 -18.12
C ARG A 351 25.68 -20.48 -17.92
N GLU A 352 25.21 -19.30 -18.30
CA GLU A 352 26.01 -18.08 -18.10
C GLU A 352 26.30 -17.82 -16.61
N ALA A 353 25.32 -18.08 -15.76
CA ALA A 353 25.50 -17.87 -14.34
C ALA A 353 26.51 -18.82 -13.72
N VAL A 354 26.43 -20.09 -14.12
CA VAL A 354 27.31 -21.10 -13.58
C VAL A 354 28.76 -20.82 -14.04
N GLU A 355 28.92 -20.36 -15.27
CA GLU A 355 30.27 -19.97 -15.77
C GLU A 355 30.85 -18.78 -15.02
N ARG A 356 30.02 -17.76 -14.84
CA ARG A 356 30.39 -16.57 -14.08
C ARG A 356 30.72 -16.92 -12.62
N ALA A 357 29.95 -17.81 -12.00
CA ALA A 357 30.25 -18.23 -10.63
C ALA A 357 31.62 -18.91 -10.51
N THR A 358 31.98 -19.74 -11.48
CA THR A 358 33.29 -20.38 -11.41
C THR A 358 34.37 -19.33 -11.69
N ALA A 359 34.09 -18.35 -12.54
CA ALA A 359 34.99 -17.19 -12.71
C ALA A 359 35.14 -16.28 -11.48
N GLU A 360 34.07 -16.06 -10.72
CA GLU A 360 34.15 -15.29 -9.45
C GLU A 360 34.73 -16.14 -8.27
N GLY A 361 35.38 -17.29 -8.55
CA GLY A 361 36.03 -18.17 -7.54
C GLY A 361 35.29 -19.46 -7.12
N GLY A 362 34.10 -19.71 -7.66
CA GLY A 362 33.31 -20.84 -7.21
C GLY A 362 33.75 -22.16 -7.74
N THR A 363 33.29 -23.20 -7.09
CA THR A 363 33.48 -24.60 -7.50
C THR A 363 32.16 -25.27 -7.77
N LEU A 364 31.96 -25.74 -9.01
CA LEU A 364 30.79 -26.56 -9.33
C LEU A 364 30.96 -27.92 -8.70
N CYS A 365 30.12 -28.25 -7.73
CA CYS A 365 30.12 -29.56 -7.06
C CYS A 365 29.29 -30.66 -7.69
N ALA A 366 28.18 -30.30 -8.32
CA ALA A 366 27.25 -31.24 -8.89
C ALA A 366 26.38 -30.54 -9.90
N GLY A 367 25.95 -31.31 -10.90
CA GLY A 367 25.00 -30.84 -11.90
C GLY A 367 25.39 -29.75 -12.81
N GLY A 368 24.37 -29.13 -13.38
CA GLY A 368 24.52 -28.04 -14.29
C GLY A 368 24.49 -28.41 -15.76
N GLU A 369 24.55 -29.70 -16.08
CA GLU A 369 24.60 -30.10 -17.49
C GLU A 369 23.21 -30.37 -18.06
N ARG A 370 23.07 -30.05 -19.34
CA ARG A 370 21.89 -30.44 -20.11
C ARG A 370 21.84 -31.96 -20.23
N GLN A 371 20.69 -32.54 -19.93
CA GLN A 371 20.48 -33.97 -19.95
C GLN A 371 19.85 -34.37 -21.30
N PHE A 372 20.21 -35.54 -21.80
CA PHE A 372 19.58 -36.10 -23.03
C PHE A 372 19.08 -35.11 -24.11
N PRO A 373 19.96 -34.27 -24.66
CA PRO A 373 19.59 -33.23 -25.64
C PRO A 373 18.97 -33.80 -26.91
N ASP A 374 19.48 -34.97 -27.33
CA ASP A 374 18.96 -35.64 -28.53
C ASP A 374 17.57 -36.27 -28.38
N ALA A 375 17.13 -36.58 -27.15
CA ALA A 375 15.76 -37.11 -26.89
C ALA A 375 14.63 -36.08 -27.10
N ALA A 376 14.95 -34.80 -26.90
CA ALA A 376 13.99 -33.72 -27.16
C ALA A 376 14.79 -32.47 -27.47
N PRO A 377 15.27 -32.30 -28.71
CA PRO A 377 16.23 -31.24 -28.99
C PRO A 377 15.81 -29.82 -28.77
N GLY A 378 14.49 -29.59 -28.79
CA GLY A 378 13.97 -28.28 -28.54
C GLY A 378 13.72 -27.98 -27.06
N ALA A 379 13.99 -28.94 -26.19
CA ALA A 379 13.68 -28.87 -24.72
C ALA A 379 14.94 -28.93 -23.92
N TYR A 380 14.89 -28.34 -22.73
CA TYR A 380 16.08 -28.09 -21.94
C TYR A 380 15.85 -28.71 -20.56
N TYR A 381 16.23 -29.96 -20.42
CA TYR A 381 16.21 -30.71 -19.21
C TYR A 381 17.60 -30.56 -18.66
N VAL A 382 17.71 -30.09 -17.41
CA VAL A 382 19.01 -29.86 -16.81
C VAL A 382 19.07 -30.41 -15.39
N ARG A 383 20.26 -30.85 -14.99
CA ARG A 383 20.45 -31.32 -13.65
C ARG A 383 20.70 -30.07 -12.76
N PRO A 384 19.93 -29.91 -11.67
CA PRO A 384 20.23 -28.76 -10.79
C PRO A 384 21.73 -28.64 -10.41
N ALA A 385 22.26 -27.43 -10.37
CA ALA A 385 23.66 -27.15 -10.08
C ALA A 385 23.87 -26.81 -8.61
N LEU A 386 24.94 -27.35 -8.03
CA LEU A 386 25.38 -27.05 -6.66
C LEU A 386 26.72 -26.38 -6.81
N VAL A 387 26.84 -25.16 -6.32
CA VAL A 387 28.08 -24.40 -6.48
C VAL A 387 28.58 -23.85 -5.17
N ARG A 388 29.82 -24.22 -4.79
CA ARG A 388 30.38 -23.67 -3.57
C ARG A 388 31.08 -22.37 -3.85
N MET A 389 30.77 -21.32 -3.08
CA MET A 389 31.24 -19.99 -3.30
C MET A 389 32.03 -19.49 -2.09
N PRO A 390 33.18 -18.84 -2.35
CA PRO A 390 33.98 -18.32 -1.26
C PRO A 390 33.45 -17.01 -0.66
N ALA A 391 32.52 -16.37 -1.34
CA ALA A 391 31.93 -15.12 -0.89
C ALA A 391 30.64 -14.90 -1.66
N GLN A 392 29.80 -14.02 -1.14
CA GLN A 392 28.57 -13.68 -1.83
C GLN A 392 28.83 -12.59 -2.89
N THR A 393 29.34 -13.02 -4.02
CA THR A 393 29.67 -12.12 -5.13
C THR A 393 28.47 -11.74 -5.95
N ALA A 394 28.68 -10.89 -6.98
CA ALA A 394 27.59 -10.35 -7.75
C ALA A 394 26.70 -11.42 -8.33
N VAL A 395 27.26 -12.53 -8.81
CA VAL A 395 26.44 -13.56 -9.44
C VAL A 395 25.49 -14.22 -8.43
N VAL A 396 25.94 -14.34 -7.21
CA VAL A 396 25.11 -14.92 -6.13
C VAL A 396 24.00 -13.94 -5.78
N ARG A 397 24.29 -12.64 -5.76
CA ARG A 397 23.26 -11.64 -5.40
C ARG A 397 22.21 -11.41 -6.47
N GLU A 398 22.52 -11.72 -7.72
CA GLU A 398 21.63 -11.46 -8.85
C GLU A 398 21.03 -12.82 -9.19
N GLU A 399 19.74 -12.94 -8.89
CA GLU A 399 18.88 -14.12 -9.12
C GLU A 399 18.88 -14.58 -10.59
N THR A 400 19.16 -15.85 -10.80
CA THR A 400 18.93 -16.53 -12.07
C THR A 400 17.79 -17.50 -11.86
N PHE A 401 16.81 -17.48 -12.74
CA PHE A 401 15.58 -18.32 -12.65
C PHE A 401 15.87 -19.73 -13.21
N ALA A 402 16.63 -20.46 -12.41
CA ALA A 402 17.14 -21.75 -12.75
C ALA A 402 17.61 -22.45 -11.49
N PRO A 403 17.78 -23.75 -11.55
CA PRO A 403 18.17 -24.51 -10.39
C PRO A 403 19.69 -24.44 -10.19
N ILE A 404 20.09 -23.42 -9.45
CA ILE A 404 21.50 -23.21 -9.01
C ILE A 404 21.41 -22.92 -7.53
N LEU A 405 22.08 -23.73 -6.73
CA LEU A 405 22.21 -23.54 -5.30
C LEU A 405 23.63 -23.15 -4.95
N TYR A 406 23.80 -21.91 -4.55
CA TYR A 406 25.12 -21.41 -4.12
C TYR A 406 25.30 -21.71 -2.64
N VAL A 407 26.47 -22.25 -2.27
CA VAL A 407 26.77 -22.62 -0.87
C VAL A 407 27.82 -21.66 -0.34
N LEU A 408 27.45 -20.95 0.73
CA LEU A 408 28.29 -20.01 1.45
C LEU A 408 28.49 -20.52 2.87
N THR A 409 29.64 -20.22 3.46
CA THR A 409 29.87 -20.60 4.85
C THR A 409 29.86 -19.42 5.81
N TYR A 410 29.58 -19.70 7.07
CA TYR A 410 29.58 -18.67 8.11
C TYR A 410 30.09 -19.26 9.44
N ARG A 411 30.39 -18.37 10.38
CA ARG A 411 30.67 -18.78 11.76
C ARG A 411 29.63 -18.28 12.79
N ASP A 412 29.44 -16.98 12.87
CA ASP A 412 28.52 -16.36 13.83
C ASP A 412 27.14 -16.24 13.23
N LEU A 413 26.11 -16.47 14.02
CA LEU A 413 24.74 -16.39 13.44
C LEU A 413 24.44 -15.03 12.92
N ASP A 414 24.93 -13.94 13.57
CA ASP A 414 24.70 -12.62 13.03
C ASP A 414 25.29 -12.45 11.62
N GLU A 415 26.40 -13.13 11.35
CA GLU A 415 27.00 -13.16 9.99
C GLU A 415 26.06 -13.89 9.01
N ALA A 416 25.52 -15.04 9.42
CA ALA A 416 24.53 -15.72 8.57
C ALA A 416 23.35 -14.80 8.24
N ILE A 417 22.87 -14.06 9.24
CA ILE A 417 21.72 -13.20 9.06
C ILE A 417 22.08 -12.09 8.05
N ARG A 418 23.27 -11.52 8.21
CA ARG A 418 23.72 -10.47 7.31
CA ARG A 418 23.72 -10.46 7.30
C ARG A 418 23.81 -11.02 5.87
N LEU A 419 24.33 -12.21 5.73
CA LEU A 419 24.45 -12.86 4.39
C LEU A 419 23.04 -13.10 3.81
N ASN A 420 22.11 -13.49 4.66
CA ASN A 420 20.73 -13.60 4.16
C ASN A 420 20.21 -12.30 3.63
N ASN A 421 20.42 -11.22 4.41
CA ASN A 421 19.77 -9.97 4.21
C ASN A 421 20.41 -9.07 3.17
N GLU A 422 21.66 -9.35 2.82
CA GLU A 422 22.38 -8.30 2.01
C GLU A 422 21.99 -8.25 0.50
N VAL A 423 21.17 -9.18 0.03
CA VAL A 423 20.71 -9.20 -1.37
C VAL A 423 19.55 -8.22 -1.59
N PRO A 424 19.29 -7.82 -2.83
CA PRO A 424 18.22 -6.84 -3.03
C PRO A 424 16.80 -7.42 -2.90
N GLN A 425 16.65 -8.74 -3.05
CA GLN A 425 15.33 -9.40 -2.98
C GLN A 425 15.00 -9.70 -1.50
N GLY A 426 13.73 -9.96 -1.19
CA GLY A 426 13.35 -10.26 0.22
C GLY A 426 12.10 -11.09 0.29
N LEU A 427 12.07 -12.21 -0.42
CA LEU A 427 10.87 -12.99 -0.42
C LEU A 427 10.85 -13.96 0.76
N SER A 428 11.64 -15.03 0.76
CA SER A 428 11.58 -16.02 1.82
C SER A 428 12.96 -16.42 2.33
N ALA A 429 12.99 -16.95 3.56
CA ALA A 429 14.19 -17.39 4.25
C ALA A 429 13.84 -18.51 5.20
N GLY A 430 14.79 -19.38 5.47
CA GLY A 430 14.61 -20.46 6.44
C GLY A 430 15.85 -20.68 7.25
N ILE A 431 15.67 -21.19 8.45
CA ILE A 431 16.79 -21.65 9.29
C ILE A 431 16.53 -23.06 9.73
N PHE A 432 17.58 -23.89 9.61
CA PHE A 432 17.53 -25.28 10.08
C PHE A 432 18.40 -25.36 11.31
N THR A 433 17.75 -25.64 12.42
CA THR A 433 18.44 -25.64 13.71
C THR A 433 17.65 -26.44 14.72
N ALA A 434 18.33 -27.07 15.66
CA ALA A 434 17.67 -27.62 16.87
C ALA A 434 17.75 -26.70 18.07
N ASP A 435 18.32 -25.52 17.90
CA ASP A 435 18.55 -24.61 19.02
C ASP A 435 17.43 -23.59 19.07
N GLN A 436 16.77 -23.56 20.22
CA GLN A 436 15.63 -22.67 20.45
C GLN A 436 15.96 -21.21 20.26
N SER A 437 17.14 -20.78 20.74
CA SER A 437 17.51 -19.39 20.68
CA SER A 437 17.50 -19.37 20.68
C SER A 437 17.85 -18.98 19.25
N GLU A 438 18.53 -19.85 18.50
CA GLU A 438 18.85 -19.52 17.09
C GLU A 438 17.60 -19.37 16.25
N ALA A 439 16.65 -20.25 16.48
CA ALA A 439 15.41 -20.18 15.75
C ALA A 439 14.73 -18.84 15.99
N GLU A 440 14.67 -18.43 17.25
CA GLU A 440 14.01 -17.17 17.60
C GLU A 440 14.81 -15.94 17.12
N ARG A 441 16.13 -16.01 17.23
CA ARG A 441 16.96 -14.90 16.74
C ARG A 441 16.74 -14.64 15.21
N PHE A 442 16.59 -15.74 14.46
CA PHE A 442 16.38 -15.64 13.00
C PHE A 442 15.09 -14.90 12.67
N LEU A 443 14.06 -15.11 13.48
CA LEU A 443 12.69 -14.56 13.24
C LEU A 443 12.48 -13.21 13.90
N ALA A 444 13.47 -12.78 14.67
CA ALA A 444 13.38 -11.53 15.44
C ALA A 444 13.47 -10.29 14.52
N PRO A 445 13.22 -9.10 15.06
CA PRO A 445 13.24 -7.90 14.21
C PRO A 445 14.60 -7.59 13.59
N ASP A 446 15.68 -7.99 14.27
CA ASP A 446 17.01 -7.95 13.69
C ASP A 446 17.50 -9.24 13.04
N GLY A 447 16.57 -10.12 12.70
CA GLY A 447 16.91 -11.35 12.04
C GLY A 447 16.70 -11.27 10.55
N ALA A 448 16.25 -12.36 9.95
CA ALA A 448 15.98 -12.37 8.53
C ALA A 448 14.95 -11.29 8.20
N ASP A 449 15.21 -10.54 7.12
CA ASP A 449 14.39 -9.39 6.71
C ASP A 449 13.29 -9.67 5.70
N CYS A 450 13.03 -10.93 5.40
CA CYS A 450 12.15 -11.30 4.31
C CYS A 450 10.66 -11.34 4.71
N GLY A 451 9.81 -11.44 3.71
CA GLY A 451 8.36 -11.51 3.90
C GLY A 451 7.93 -12.81 4.57
N ILE A 452 8.70 -13.87 4.30
CA ILE A 452 8.46 -15.22 4.80
C ILE A 452 9.72 -15.65 5.49
N ALA A 453 9.65 -16.07 6.75
CA ALA A 453 10.85 -16.49 7.51
C ALA A 453 10.44 -17.71 8.34
N ASN A 454 11.04 -18.86 8.02
CA ASN A 454 10.64 -20.14 8.53
C ASN A 454 11.73 -20.86 9.34
N VAL A 455 11.30 -21.82 10.15
CA VAL A 455 12.20 -22.63 10.96
C VAL A 455 11.99 -24.11 10.60
N ASN A 456 13.06 -24.74 10.17
CA ASN A 456 13.06 -26.20 9.89
C ASN A 456 12.11 -26.62 8.77
N ILE A 457 11.86 -25.65 7.86
CA ILE A 457 11.16 -25.86 6.63
C ILE A 457 11.80 -24.89 5.62
N GLY A 458 11.80 -25.29 4.35
CA GLY A 458 12.49 -24.49 3.34
C GLY A 458 11.71 -23.24 2.87
N THR A 459 12.24 -22.65 1.81
CA THR A 459 11.83 -21.35 1.36
C THR A 459 10.51 -21.35 0.59
N SER A 460 10.05 -22.55 0.16
CA SER A 460 8.69 -22.76 -0.38
C SER A 460 7.65 -23.14 0.69
N GLY A 461 8.01 -23.05 1.98
CA GLY A 461 7.05 -23.31 3.12
C GLY A 461 6.10 -22.13 3.29
N ALA A 462 4.96 -22.27 2.63
CA ALA A 462 3.85 -21.30 2.68
C ALA A 462 2.55 -22.06 2.33
N GLU A 463 1.43 -21.51 2.71
CA GLU A 463 0.15 -22.16 2.46
C GLU A 463 -0.88 -21.09 2.36
N ILE A 464 -2.07 -21.46 1.90
CA ILE A 464 -3.16 -20.50 1.61
C ILE A 464 -3.47 -19.54 2.73
N GLY A 465 -3.43 -20.01 3.97
CA GLY A 465 -3.88 -19.16 5.07
C GLY A 465 -2.94 -18.02 5.45
N GLY A 466 -1.69 -18.10 5.02
CA GLY A 466 -0.74 -17.02 5.29
C GLY A 466 -0.77 -15.97 4.18
N ALA A 467 -0.43 -14.73 4.54
CA ALA A 467 -0.19 -13.68 3.52
C ALA A 467 1.11 -14.04 2.82
N PHE A 468 1.09 -13.95 1.48
CA PHE A 468 2.20 -14.38 0.64
C PHE A 468 2.79 -13.15 -0.07
N GLY A 469 4.11 -12.95 0.06
CA GLY A 469 4.81 -11.87 -0.61
C GLY A 469 6.03 -11.48 0.14
N GLY A 470 6.73 -10.48 -0.41
CA GLY A 470 8.01 -10.14 0.13
C GLY A 470 8.29 -8.67 0.20
N GLU A 471 9.54 -8.38 0.55
CA GLU A 471 10.00 -7.08 0.88
C GLU A 471 11.10 -6.67 -0.11
N LYS A 472 11.57 -5.44 0.06
CA LYS A 472 12.71 -4.92 -0.74
C LYS A 472 12.35 -4.98 -2.25
N GLU A 473 13.22 -5.51 -3.12
CA GLU A 473 12.94 -5.49 -4.55
C GLU A 473 11.95 -6.56 -4.98
N THR A 474 11.54 -7.42 -4.03
CA THR A 474 10.43 -8.31 -4.31
C THR A 474 9.13 -7.51 -4.53
N GLY A 475 9.00 -6.35 -3.89
CA GLY A 475 7.93 -5.39 -4.25
C GLY A 475 6.89 -5.06 -3.23
N GLY A 476 6.83 -5.78 -2.13
CA GLY A 476 6.00 -5.38 -0.98
C GLY A 476 4.59 -5.88 -0.91
N GLY A 477 4.08 -6.46 -2.00
CA GLY A 477 2.69 -6.92 -2.03
C GLY A 477 2.42 -8.13 -1.16
N ARG A 478 1.14 -8.32 -0.79
CA ARG A 478 0.71 -9.60 -0.19
C ARG A 478 -0.52 -10.13 -0.90
N GLU A 479 -0.56 -11.43 -1.11
CA GLU A 479 -1.68 -12.12 -1.71
C GLU A 479 -2.09 -13.29 -0.83
N SER A 480 -3.25 -13.84 -1.16
CA SER A 480 -3.78 -15.09 -0.56
C SER A 480 -4.41 -14.87 0.82
N GLY A 481 -3.74 -15.28 1.91
CA GLY A 481 -4.33 -15.39 3.21
C GLY A 481 -4.22 -14.19 4.10
N SER A 482 -4.41 -14.48 5.38
CA SER A 482 -4.57 -13.45 6.42
C SER A 482 -5.56 -12.42 5.88
N ASP A 483 -5.25 -11.15 6.07
CA ASP A 483 -6.08 -10.06 5.55
C ASP A 483 -5.52 -9.36 4.32
N ALA A 484 -4.86 -10.16 3.47
CA ALA A 484 -4.48 -9.65 2.14
C ALA A 484 -5.64 -9.17 1.33
N TRP A 485 -6.85 -9.63 1.62
CA TRP A 485 -8.04 -9.20 0.92
C TRP A 485 -8.24 -7.70 0.99
N ARG A 486 -7.70 -7.06 2.04
CA ARG A 486 -7.90 -5.60 2.15
C ARG A 486 -7.37 -4.83 0.97
N ALA A 487 -6.35 -5.33 0.28
CA ALA A 487 -5.84 -4.66 -0.90
C ALA A 487 -6.81 -4.63 -2.05
N TYR A 488 -7.89 -5.43 -2.00
CA TYR A 488 -8.87 -5.53 -3.04
C TYR A 488 -10.11 -4.70 -2.78
N MET A 489 -10.06 -3.93 -1.70
CA MET A 489 -11.19 -3.12 -1.29
C MET A 489 -10.71 -1.73 -0.88
N ARG A 490 -11.66 -0.80 -0.70
CA ARG A 490 -11.35 0.52 -0.17
C ARG A 490 -11.97 0.74 1.21
N ARG A 491 -11.19 1.32 2.07
CA ARG A 491 -11.58 1.59 3.47
C ARG A 491 -12.39 2.89 3.49
N ALA A 492 -13.49 2.93 4.23
CA ALA A 492 -14.19 4.20 4.48
C ALA A 492 -14.27 4.36 6.01
N THR A 493 -14.02 5.58 6.48
CA THR A 493 -14.23 5.94 7.89
C THR A 493 -15.51 6.75 7.94
N ASN A 494 -16.50 6.31 8.69
CA ASN A 494 -17.81 6.90 8.72
C ASN A 494 -18.18 7.43 10.13
N THR A 495 -18.36 8.73 10.25
CA THR A 495 -18.88 9.32 11.50
C THR A 495 -20.35 9.65 11.26
N VAL A 496 -21.21 9.17 12.16
CA VAL A 496 -22.62 9.35 12.04
C VAL A 496 -23.09 10.19 13.27
N ASN A 497 -23.63 11.35 13.02
CA ASN A 497 -24.21 12.24 14.07
C ASN A 497 -25.68 11.99 14.22
N TYR A 498 -26.13 11.59 15.43
CA TYR A 498 -27.54 11.43 15.71
C TYR A 498 -28.00 12.42 16.76
N SER A 499 -27.15 13.38 17.08
CA SER A 499 -27.40 14.35 18.16
C SER A 499 -28.19 15.54 17.71
N GLY A 500 -28.23 15.81 16.42
CA GLY A 500 -28.92 16.99 15.89
C GLY A 500 -28.14 18.28 16.01
N ARG A 501 -26.92 18.23 16.55
CA ARG A 501 -26.10 19.39 16.69
C ARG A 501 -24.67 19.24 16.24
N VAL A 502 -24.00 20.38 16.09
CA VAL A 502 -22.62 20.48 15.69
C VAL A 502 -21.87 21.43 16.59
N THR A 503 -20.58 21.21 16.77
CA THR A 503 -19.72 22.19 17.43
C THR A 503 -19.77 23.53 16.74
N LEU A 504 -20.03 24.57 17.53
CA LEU A 504 -20.13 25.90 16.96
C LEU A 504 -18.81 26.59 17.07
N ALA A 505 -18.28 27.03 15.95
CA ALA A 505 -16.95 27.59 15.93
C ALA A 505 -16.93 28.95 16.64
N GLN A 506 -16.03 29.04 17.61
CA GLN A 506 -15.95 30.20 18.52
C GLN A 506 -17.26 30.47 19.23
N GLY A 507 -18.11 29.43 19.35
CA GLY A 507 -19.44 29.55 19.93
C GLY A 507 -20.51 30.24 19.13
N VAL A 508 -20.24 30.61 17.87
CA VAL A 508 -21.19 31.38 17.08
C VAL A 508 -22.27 30.49 16.47
N ASP A 509 -23.53 30.86 16.63
CA ASP A 509 -24.63 30.10 15.98
C ASP A 509 -25.17 30.89 14.77
N PHE A 510 -24.85 30.47 13.54
CA PHE A 510 -25.28 31.22 12.33
C PHE A 510 -26.81 31.23 12.14
N SER A 511 -27.38 30.64 13.18
CA SER A 511 -28.80 30.45 13.44
C SER A 511 -29.22 29.00 13.25
N ALA B 5 -7.38 46.33 13.63
CA ALA B 5 -6.32 46.09 14.69
C ALA B 5 -5.60 44.75 14.41
N ILE B 6 -4.47 44.80 13.71
CA ILE B 6 -3.67 43.60 13.40
C ILE B 6 -2.39 43.72 14.19
N SER B 7 -1.99 42.61 14.83
CA SER B 7 -0.76 42.56 15.64
C SER B 7 0.41 43.07 14.80
N GLY B 8 1.37 43.76 15.42
CA GLY B 8 2.52 44.26 14.70
C GLY B 8 3.55 43.17 14.53
N THR B 9 4.34 43.28 13.47
CA THR B 9 5.42 42.37 13.15
C THR B 9 6.42 42.29 14.30
N ASP B 10 6.80 43.42 14.90
CA ASP B 10 7.74 43.36 16.03
C ASP B 10 7.17 42.54 17.20
N GLU B 11 5.91 42.75 17.53
CA GLU B 11 5.25 41.98 18.60
C GLU B 11 5.30 40.48 18.23
N ILE B 12 5.06 40.17 16.96
CA ILE B 12 4.94 38.75 16.53
C ILE B 12 6.29 38.07 16.60
N ARG B 13 7.32 38.79 16.16
CA ARG B 13 8.65 38.29 16.19
C ARG B 13 9.06 37.96 17.62
N ALA B 14 8.75 38.88 18.54
CA ALA B 14 9.11 38.67 19.93
C ALA B 14 8.41 37.48 20.55
N ARG B 15 7.11 37.32 20.23
CA ARG B 15 6.33 36.18 20.69
C ARG B 15 6.93 34.87 20.11
N ALA B 16 7.30 34.90 18.84
CA ALA B 16 7.89 33.70 18.19
C ALA B 16 9.20 33.31 18.87
N GLU B 17 10.06 34.29 19.10
CA GLU B 17 11.33 34.02 19.78
C GLU B 17 11.18 33.46 21.20
N GLN B 18 10.24 34.01 21.96
CA GLN B 18 9.93 33.54 23.31
C GLN B 18 9.36 32.12 23.30
N ALA B 19 8.44 31.85 22.39
CA ALA B 19 7.93 30.47 22.27
C ALA B 19 9.03 29.49 21.94
N LEU B 20 9.88 29.83 20.99
CA LEU B 20 10.94 28.93 20.57
C LEU B 20 11.90 28.63 21.74
N THR B 21 12.31 29.69 22.44
CA THR B 21 13.17 29.58 23.62
CA THR B 21 13.22 29.49 23.57
C THR B 21 12.56 28.68 24.69
N ARG B 22 11.28 28.88 24.99
CA ARG B 22 10.59 28.10 26.00
C ARG B 22 10.45 26.65 25.63
N CYS B 23 10.37 26.37 24.34
CA CYS B 23 10.36 24.99 23.83
C CYS B 23 11.72 24.33 23.72
N GLY B 24 12.79 25.06 24.05
CA GLY B 24 14.12 24.52 24.11
C GLY B 24 14.97 24.73 22.88
N VAL B 25 14.51 25.58 21.95
CA VAL B 25 15.27 25.87 20.75
C VAL B 25 16.40 26.85 21.11
N ASP B 26 17.59 26.59 20.55
CA ASP B 26 18.71 27.49 20.66
C ASP B 26 18.68 28.44 19.47
N LEU B 27 18.21 29.66 19.70
CA LEU B 27 18.07 30.62 18.62
C LEU B 27 19.37 30.89 17.83
N THR B 28 20.50 30.96 18.53
CA THR B 28 21.80 31.21 17.86
C THR B 28 22.12 30.12 16.87
N ALA B 29 21.92 28.89 17.30
CA ALA B 29 22.21 27.71 16.50
C ALA B 29 21.33 27.58 15.25
N VAL B 30 20.09 28.07 15.29
CA VAL B 30 19.18 27.90 14.14
C VAL B 30 19.11 29.11 13.22
N LYS B 31 19.46 30.29 13.74
CA LYS B 31 19.49 31.51 12.94
C LYS B 31 20.57 31.48 11.87
N GLY B 32 20.38 32.28 10.84
CA GLY B 32 21.23 32.22 9.64
C GLY B 32 20.70 33.14 8.58
N ASP B 33 21.18 32.95 7.35
CA ASP B 33 20.85 33.81 6.19
C ASP B 33 20.32 33.09 4.95
N ALA B 34 20.04 31.79 5.03
CA ALA B 34 19.65 31.04 3.83
C ALA B 34 18.16 31.04 3.59
N LEU B 35 17.37 30.94 4.66
CA LEU B 35 15.92 30.88 4.53
C LEU B 35 15.38 31.90 5.46
N THR B 36 14.12 32.25 5.28
CA THR B 36 13.51 33.14 6.24
C THR B 36 12.22 32.59 6.83
N ALA B 37 12.03 32.76 8.13
CA ALA B 37 10.74 32.53 8.75
C ALA B 37 9.86 33.72 8.43
N ARG B 38 8.56 33.51 8.32
CA ARG B 38 7.65 34.56 7.94
C ARG B 38 6.33 34.38 8.68
N THR B 39 5.45 35.36 8.56
CA THR B 39 4.12 35.28 9.13
C THR B 39 3.07 35.75 8.14
N PRO B 40 1.98 34.99 7.96
CA PRO B 40 0.88 35.49 7.15
C PRO B 40 0.05 36.59 7.80
N LEU B 41 0.23 36.83 9.10
CA LEU B 41 -0.55 37.83 9.81
C LEU B 41 -0.29 39.23 9.24
N THR B 42 0.95 39.48 8.88
CA THR B 42 1.37 40.76 8.27
C THR B 42 2.08 40.56 6.94
N GLY B 43 2.48 39.32 6.64
CA GLY B 43 3.26 39.04 5.45
C GLY B 43 4.73 39.26 5.65
N ALA B 44 5.15 39.70 6.82
CA ALA B 44 6.54 40.09 7.04
C ALA B 44 7.44 38.90 7.28
N ASP B 45 8.68 39.06 6.86
CA ASP B 45 9.74 38.19 7.29
C ASP B 45 10.03 38.43 8.80
N LEU B 46 10.18 37.36 9.54
CA LEU B 46 10.50 37.42 10.99
C LEU B 46 12.01 37.46 11.19
N PHE B 47 12.72 36.46 10.72
CA PHE B 47 14.18 36.43 10.82
C PHE B 47 14.71 35.31 9.97
N GLY B 48 16.01 35.34 9.68
CA GLY B 48 16.64 34.34 8.88
C GLY B 48 17.07 33.09 9.60
N LEU B 49 17.07 31.99 8.87
CA LEU B 49 17.43 30.70 9.38
C LEU B 49 18.54 30.09 8.54
N ARG B 50 19.39 29.30 9.20
CA ARG B 50 20.23 28.29 8.53
C ARG B 50 19.37 27.29 7.74
N ALA B 51 19.95 26.77 6.67
CA ALA B 51 19.34 25.75 5.85
C ALA B 51 20.27 24.55 5.76
N GLN B 52 19.65 23.39 5.55
CA GLN B 52 20.34 22.19 5.20
C GLN B 52 20.53 22.08 3.70
N THR B 53 21.66 21.46 3.33
CA THR B 53 21.94 21.08 1.96
C THR B 53 21.47 19.64 1.68
N PRO B 54 21.43 19.24 0.40
CA PRO B 54 21.17 17.83 0.11
C PRO B 54 22.13 16.88 0.80
N GLU B 55 23.39 17.26 0.92
CA GLU B 55 24.35 16.42 1.65
C GLU B 55 24.03 16.28 3.15
N ASP B 56 23.52 17.35 3.75
CA ASP B 56 23.02 17.29 5.13
C ASP B 56 21.83 16.31 5.25
N VAL B 57 20.98 16.26 4.24
CA VAL B 57 19.86 15.27 4.25
C VAL B 57 20.42 13.86 4.27
N ASP B 58 21.38 13.58 3.42
CA ASP B 58 22.05 12.26 3.50
C ASP B 58 22.69 11.96 4.85
N ARG B 59 23.34 12.94 5.48
CA ARG B 59 23.87 12.76 6.83
C ARG B 59 22.78 12.50 7.88
N ALA B 60 21.66 13.17 7.71
CA ALA B 60 20.51 13.01 8.62
C ALA B 60 19.92 11.59 8.48
N VAL B 61 19.84 11.13 7.27
CA VAL B 61 19.31 9.76 7.04
C VAL B 61 20.25 8.75 7.64
N GLU B 62 21.56 8.97 7.50
CA GLU B 62 22.55 8.07 8.09
C GLU B 62 22.41 8.01 9.59
N ALA B 63 22.31 9.17 10.21
CA ALA B 63 22.10 9.28 11.65
C ALA B 63 20.79 8.59 12.12
N ALA B 64 19.72 8.82 11.37
CA ALA B 64 18.42 8.19 11.67
C ALA B 64 18.53 6.68 11.51
N HIS B 65 19.25 6.22 10.50
CA HIS B 65 19.43 4.77 10.28
C HIS B 65 20.26 4.13 11.38
N THR B 66 21.33 4.80 11.79
CA THR B 66 22.08 4.31 12.95
C THR B 66 21.22 4.21 14.21
N ALA B 67 20.38 5.22 14.45
CA ALA B 67 19.48 5.22 15.60
C ALA B 67 18.48 4.06 15.50
N PHE B 68 18.01 3.83 14.29
CA PHE B 68 17.06 2.72 13.96
C PHE B 68 17.61 1.37 14.37
N LEU B 69 18.90 1.12 14.11
CA LEU B 69 19.47 -0.18 14.46
C LEU B 69 19.37 -0.47 15.95
N THR B 70 19.40 0.55 16.80
CA THR B 70 19.19 0.38 18.23
C THR B 70 17.72 0.34 18.59
N TRP B 71 16.96 1.25 18.00
CA TRP B 71 15.56 1.42 18.36
C TRP B 71 14.72 0.20 18.00
N ARG B 72 15.07 -0.46 16.91
CA ARG B 72 14.25 -1.56 16.42
C ARG B 72 14.25 -2.77 17.37
N THR B 73 15.29 -2.90 18.19
CA THR B 73 15.31 -3.94 19.23
C THR B 73 14.96 -3.44 20.61
N THR B 74 14.58 -2.19 20.74
CA THR B 74 14.11 -1.66 22.02
C THR B 74 12.67 -2.10 22.13
N PRO B 75 12.27 -2.75 23.22
CA PRO B 75 10.88 -3.27 23.30
C PRO B 75 9.84 -2.19 23.03
N ALA B 76 8.79 -2.50 22.27
CA ALA B 76 7.80 -1.45 21.92
C ALA B 76 7.24 -0.71 23.15
N PRO B 77 6.94 -1.43 24.26
CA PRO B 77 6.39 -0.68 25.39
C PRO B 77 7.41 0.34 25.95
N VAL B 78 8.70 0.07 25.84
CA VAL B 78 9.74 1.00 26.22
C VAL B 78 9.76 2.18 25.23
N ARG B 79 9.56 1.89 23.95
CA ARG B 79 9.43 2.93 22.92
C ARG B 79 8.21 3.82 23.22
N GLY B 80 7.13 3.21 23.67
CA GLY B 80 5.94 3.91 24.07
C GLY B 80 6.21 4.86 25.24
N ALA B 81 7.07 4.49 26.16
CA ALA B 81 7.42 5.40 27.28
C ALA B 81 8.02 6.72 26.81
N LEU B 82 8.78 6.68 25.74
CA LEU B 82 9.33 7.88 25.15
C LEU B 82 8.19 8.75 24.63
N VAL B 83 7.26 8.13 23.91
CA VAL B 83 6.16 8.90 23.35
C VAL B 83 5.25 9.46 24.47
N LYS B 84 5.07 8.71 25.57
CA LYS B 84 4.28 9.19 26.70
C LYS B 84 4.93 10.46 27.26
N ARG B 85 6.25 10.45 27.42
CA ARG B 85 7.03 11.61 27.89
C ARG B 85 6.94 12.83 26.96
N PHE B 86 6.98 12.53 25.66
CA PHE B 86 6.78 13.59 24.69
C PHE B 86 5.43 14.23 24.83
N GLY B 87 4.38 13.41 24.97
CA GLY B 87 3.06 13.93 25.19
C GLY B 87 2.95 14.82 26.40
N GLU B 88 3.67 14.45 27.47
CA GLU B 88 3.72 15.28 28.70
C GLU B 88 4.38 16.63 28.44
N LEU B 89 5.46 16.67 27.68
CA LEU B 89 6.14 17.93 27.33
C LEU B 89 5.31 18.82 26.41
N LEU B 90 4.58 18.19 25.48
CA LEU B 90 3.65 18.92 24.61
C LEU B 90 2.55 19.56 25.47
N THR B 91 2.06 18.79 26.44
CA THR B 91 1.04 19.31 27.33
C THR B 91 1.58 20.53 28.07
N GLU B 92 2.80 20.43 28.58
CA GLU B 92 3.46 21.54 29.32
C GLU B 92 3.66 22.79 28.45
N HIS B 93 3.89 22.60 27.15
CA HIS B 93 4.20 23.71 26.27
C HIS B 93 3.13 23.98 25.22
N LYS B 94 1.89 23.54 25.47
CA LYS B 94 0.78 23.61 24.51
C LYS B 94 0.57 25.05 24.01
N GLN B 95 0.59 26.02 24.94
CA GLN B 95 0.38 27.41 24.58
C GLN B 95 1.49 28.00 23.73
N ASP B 96 2.72 27.69 24.06
CA ASP B 96 3.88 28.15 23.32
C ASP B 96 3.86 27.58 21.88
N LEU B 97 3.63 26.27 21.75
CA LEU B 97 3.57 25.70 20.40
C LEU B 97 2.39 26.26 19.60
N ALA B 98 1.25 26.44 20.26
CA ALA B 98 0.08 26.98 19.56
C ALA B 98 0.35 28.37 19.04
N ASP B 99 1.08 29.19 19.81
CA ASP B 99 1.45 30.53 19.32
C ASP B 99 2.26 30.45 18.04
N LEU B 100 3.20 29.50 17.96
CA LEU B 100 3.95 29.33 16.72
C LEU B 100 3.10 28.88 15.56
N VAL B 101 2.10 28.04 15.83
CA VAL B 101 1.19 27.60 14.78
C VAL B 101 0.37 28.79 14.23
N THR B 102 -0.15 29.64 15.12
CA THR B 102 -0.90 30.79 14.69
C THR B 102 0.02 31.71 13.91
N ILE B 103 1.22 31.93 14.41
CA ILE B 103 2.16 32.82 13.72
C ILE B 103 2.56 32.41 12.29
N GLU B 104 2.83 31.13 12.13
CA GLU B 104 3.31 30.65 10.82
C GLU B 104 2.20 30.19 9.89
N ALA B 105 1.14 29.57 10.39
CA ALA B 105 0.05 29.06 9.55
C ALA B 105 -1.08 30.06 9.42
N GLY B 106 -1.16 31.03 10.34
CA GLY B 106 -2.20 32.04 10.34
C GLY B 106 -3.51 31.56 10.93
N LYS B 107 -3.53 30.40 11.56
CA LYS B 107 -4.84 29.86 12.00
C LYS B 107 -5.18 30.50 13.35
N ILE B 108 -6.45 30.55 13.58
CA ILE B 108 -6.98 31.17 14.80
C ILE B 108 -6.48 30.42 16.01
N ARG B 109 -6.40 31.14 17.13
CA ARG B 109 -5.76 30.57 18.30
C ARG B 109 -6.44 29.28 18.76
N SER B 110 -7.77 29.19 18.71
CA SER B 110 -8.44 28.02 19.17
C SER B 110 -8.10 26.78 18.30
N GLU B 111 -7.97 26.98 17.00
CA GLU B 111 -7.58 25.92 16.10
C GLU B 111 -6.15 25.53 16.28
N ALA B 112 -5.29 26.50 16.56
CA ALA B 112 -3.92 26.19 16.88
C ALA B 112 -3.78 25.35 18.17
N LEU B 113 -4.56 25.69 19.17
CA LEU B 113 -4.60 24.88 20.39
C LEU B 113 -5.12 23.47 20.11
N GLY B 114 -6.14 23.38 19.29
CA GLY B 114 -6.72 22.10 18.92
C GLY B 114 -5.72 21.25 18.18
N GLU B 115 -4.94 21.86 17.29
CA GLU B 115 -3.92 21.09 16.58
C GLU B 115 -2.84 20.52 17.53
N VAL B 116 -2.38 21.33 18.49
CA VAL B 116 -1.42 20.82 19.48
C VAL B 116 -2.08 19.72 20.32
N GLN B 117 -3.35 19.88 20.66
CA GLN B 117 -4.04 18.82 21.42
C GLN B 117 -4.15 17.53 20.61
N GLU B 118 -4.31 17.61 19.30
CA GLU B 118 -4.26 16.39 18.47
C GLU B 118 -2.92 15.67 18.65
N MET B 119 -1.83 16.41 18.72
CA MET B 119 -0.52 15.82 18.97
C MET B 119 -0.48 15.01 20.27
N ILE B 120 -1.07 15.61 21.29
CA ILE B 120 -1.08 14.99 22.64
C ILE B 120 -1.94 13.74 22.61
N ASP B 121 -3.08 13.84 21.94
CA ASP B 121 -3.99 12.71 21.79
C ASP B 121 -3.42 11.56 20.99
N ILE B 122 -2.67 11.83 19.91
CA ILE B 122 -2.08 10.72 19.19
C ILE B 122 -0.93 10.11 20.02
N CYS B 123 -0.22 10.92 20.81
CA CYS B 123 0.79 10.33 21.72
C CYS B 123 0.10 9.30 22.65
N ASP B 124 -1.01 9.68 23.28
CA ASP B 124 -1.73 8.75 24.17
C ASP B 124 -2.21 7.49 23.42
N PHE B 125 -2.70 7.63 22.20
CA PHE B 125 -3.12 6.49 21.39
C PHE B 125 -1.93 5.60 21.06
N ALA B 126 -0.80 6.22 20.72
CA ALA B 126 0.42 5.45 20.35
C ALA B 126 0.97 4.69 21.54
N VAL B 127 0.85 5.26 22.73
CA VAL B 127 1.25 4.54 23.97
C VAL B 127 0.44 3.27 24.10
N GLY B 128 -0.86 3.33 23.88
CA GLY B 128 -1.68 2.13 23.73
C GLY B 128 -1.23 1.11 22.69
N LEU B 129 -1.02 1.60 21.47
CA LEU B 129 -0.51 0.75 20.40
C LEU B 129 0.74 0.04 20.75
N SER B 130 1.61 0.66 21.56
CA SER B 130 2.90 0.08 21.87
C SER B 130 2.82 -1.27 22.53
N ARG B 131 1.69 -1.60 23.09
CA ARG B 131 1.47 -2.96 23.60
C ARG B 131 0.62 -3.82 22.72
N GLN B 132 0.31 -3.36 21.50
CA GLN B 132 -0.58 -4.10 20.62
C GLN B 132 0.19 -4.48 19.33
N LEU B 133 0.35 -3.55 18.41
CA LEU B 133 0.94 -3.87 17.13
C LEU B 133 0.66 -5.31 16.68
N TYR B 134 -0.62 -5.65 16.66
CA TYR B 134 -0.99 -7.05 16.59
C TYR B 134 -0.81 -7.70 15.25
N GLY B 135 -0.12 -8.82 15.26
CA GLY B 135 -0.17 -9.79 14.17
C GLY B 135 -1.16 -10.90 14.51
N ARG B 136 -0.94 -12.08 13.95
CA ARG B 136 -1.87 -13.19 14.11
C ARG B 136 -1.15 -14.46 14.42
N THR B 137 -1.85 -15.36 15.08
CA THR B 137 -1.46 -16.79 15.08
C THR B 137 -2.62 -17.51 14.41
N MET B 138 -2.33 -18.53 13.68
CA MET B 138 -3.37 -19.24 12.93
C MET B 138 -2.98 -20.68 12.67
N PRO B 139 -3.93 -21.54 12.34
CA PRO B 139 -3.58 -22.92 12.06
C PRO B 139 -2.80 -23.10 10.75
N THR B 140 -2.01 -24.14 10.74
CA THR B 140 -1.33 -24.59 9.51
C THR B 140 -1.91 -25.93 9.09
N GLU B 141 -1.90 -26.19 7.80
CA GLU B 141 -2.30 -27.49 7.26
C GLU B 141 -1.32 -28.63 7.53
N ARG B 142 -0.11 -28.29 8.00
CA ARG B 142 0.97 -29.22 8.14
C ARG B 142 1.03 -29.79 9.60
N PRO B 143 0.96 -31.10 9.77
CA PRO B 143 1.08 -31.66 11.08
C PRO B 143 2.38 -31.29 11.81
N GLY B 144 2.32 -30.97 13.07
CA GLY B 144 3.57 -30.72 13.82
C GLY B 144 4.29 -29.45 13.38
N HIS B 145 3.54 -28.49 12.87
CA HIS B 145 4.01 -27.17 12.51
C HIS B 145 3.13 -26.14 13.20
N ARG B 146 3.63 -24.91 13.29
CA ARG B 146 2.87 -23.77 13.80
C ARG B 146 3.05 -22.63 12.80
N LEU B 147 2.08 -21.71 12.73
CA LEU B 147 2.09 -20.64 11.77
C LEU B 147 1.72 -19.33 12.51
N MET B 148 2.41 -18.28 12.19
CA MET B 148 2.07 -16.96 12.72
C MET B 148 2.43 -15.88 11.76
N GLU B 149 1.92 -14.68 12.04
CA GLU B 149 2.26 -13.49 11.30
C GLU B 149 2.76 -12.47 12.32
N THR B 150 3.96 -11.94 12.11
CA THR B 150 4.56 -10.96 12.99
C THR B 150 4.80 -9.65 12.25
N TRP B 151 4.97 -8.59 13.01
CA TRP B 151 5.19 -7.23 12.49
C TRP B 151 6.48 -6.71 13.06
N HIS B 152 7.31 -6.19 12.16
CA HIS B 152 8.64 -5.71 12.53
C HIS B 152 8.88 -4.25 12.11
N PRO B 153 9.71 -3.53 12.87
CA PRO B 153 10.11 -2.15 12.49
C PRO B 153 10.66 -2.11 11.06
N LEU B 154 10.30 -1.08 10.32
CA LEU B 154 10.63 -0.92 8.90
C LEU B 154 11.96 -0.22 8.63
N GLY B 155 12.19 0.93 9.27
CA GLY B 155 13.43 1.71 9.07
C GLY B 155 13.16 3.20 9.22
N VAL B 156 13.87 3.99 8.42
CA VAL B 156 13.75 5.44 8.44
C VAL B 156 12.52 5.89 7.64
N VAL B 157 11.70 6.73 8.28
CA VAL B 157 10.51 7.28 7.69
C VAL B 157 10.76 8.75 7.35
N GLY B 158 10.59 9.08 6.10
CA GLY B 158 10.62 10.49 5.68
C GLY B 158 9.25 11.09 5.72
N VAL B 159 9.12 12.24 6.39
CA VAL B 159 7.87 12.91 6.55
C VAL B 159 7.94 14.26 5.86
N ILE B 160 7.07 14.46 4.90
CA ILE B 160 6.92 15.75 4.21
C ILE B 160 5.57 16.32 4.59
N SER B 161 5.55 17.48 5.30
CA SER B 161 4.30 18.06 5.74
C SER B 161 4.09 19.43 5.06
N ALA B 162 2.87 19.90 5.16
CA ALA B 162 2.43 21.16 4.52
C ALA B 162 2.30 22.28 5.53
N PHE B 163 2.05 23.49 5.06
CA PHE B 163 1.92 24.64 5.95
C PHE B 163 0.69 24.63 6.83
N ASN B 164 -0.37 23.96 6.35
CA ASN B 164 -1.68 24.16 6.95
C ASN B 164 -1.91 23.39 8.25
N PHE B 165 -1.26 22.25 8.41
CA PHE B 165 -1.21 21.53 9.69
C PHE B 165 0.24 21.28 10.02
N PRO B 166 0.94 22.33 10.49
CA PRO B 166 2.40 22.28 10.57
C PRO B 166 2.93 21.40 11.70
N VAL B 167 2.07 20.97 12.61
CA VAL B 167 2.53 20.09 13.71
C VAL B 167 1.75 18.75 13.84
N ALA B 168 0.47 18.73 13.57
CA ALA B 168 -0.34 17.52 13.83
C ALA B 168 0.02 16.42 12.85
N VAL B 169 0.27 16.76 11.57
CA VAL B 169 0.58 15.67 10.59
C VAL B 169 1.88 14.98 10.97
N TRP B 170 2.91 15.76 11.30
CA TRP B 170 4.15 15.18 11.74
C TRP B 170 3.91 14.35 13.00
N ALA B 171 3.11 14.83 13.93
CA ALA B 171 2.85 14.04 15.13
C ALA B 171 2.16 12.73 14.84
N TRP B 172 1.21 12.70 13.93
CA TRP B 172 0.50 11.44 13.59
C TRP B 172 1.55 10.46 13.12
N ASN B 173 2.47 10.95 12.29
CA ASN B 173 3.51 10.08 11.68
C ASN B 173 4.57 9.68 12.67
N ALA B 174 5.03 10.63 13.47
CA ALA B 174 6.15 10.39 14.35
C ALA B 174 5.76 9.59 15.59
N ALA B 175 4.62 9.90 16.22
CA ALA B 175 4.20 9.09 17.38
C ALA B 175 4.05 7.60 16.99
N VAL B 176 3.39 7.37 15.86
CA VAL B 176 3.15 6.03 15.40
C VAL B 176 4.48 5.41 14.99
N ALA B 177 5.27 6.08 14.16
CA ALA B 177 6.51 5.51 13.67
C ALA B 177 7.41 5.17 14.81
N LEU B 178 7.54 6.04 15.81
CA LEU B 178 8.44 5.76 16.91
C LEU B 178 8.00 4.55 17.72
N VAL B 179 6.72 4.37 17.98
CA VAL B 179 6.32 3.21 18.78
C VAL B 179 6.46 1.94 17.94
N CYS B 180 6.40 2.11 16.62
CA CYS B 180 6.65 1.00 15.68
C CYS B 180 8.10 0.65 15.48
N GLY B 181 9.02 1.36 16.15
CA GLY B 181 10.43 1.10 16.07
C GLY B 181 11.16 1.75 14.92
N ASP B 182 10.52 2.66 14.23
CA ASP B 182 11.12 3.41 13.16
C ASP B 182 11.75 4.69 13.69
N THR B 183 12.55 5.35 12.84
CA THR B 183 13.06 6.70 13.14
C THR B 183 12.53 7.63 12.03
N VAL B 184 12.67 8.92 12.21
CA VAL B 184 12.03 9.88 11.32
C VAL B 184 13.00 10.97 10.86
N VAL B 185 12.88 11.34 9.59
CA VAL B 185 13.50 12.55 9.08
C VAL B 185 12.41 13.40 8.51
N TRP B 186 12.23 14.60 9.09
CA TRP B 186 11.13 15.47 8.75
C TRP B 186 11.57 16.65 7.95
N LYS B 187 10.95 16.82 6.79
CA LYS B 187 11.07 18.02 5.99
C LYS B 187 9.78 18.82 6.06
N PRO B 188 9.73 19.83 6.95
CA PRO B 188 8.54 20.65 7.02
C PRO B 188 8.44 21.62 5.86
N SER B 189 7.25 22.17 5.70
CA SER B 189 7.00 23.22 4.70
C SER B 189 8.01 24.34 4.88
N GLU B 190 8.51 24.86 3.74
CA GLU B 190 9.36 26.04 3.83
C GLU B 190 8.62 27.27 4.38
N LEU B 191 7.29 27.23 4.41
CA LEU B 191 6.52 28.32 4.98
C LEU B 191 6.46 28.25 6.52
N THR B 192 6.75 27.09 7.11
CA THR B 192 6.48 26.85 8.55
C THR B 192 7.61 26.10 9.28
N PRO B 193 8.85 26.59 9.16
CA PRO B 193 9.96 25.93 9.78
C PRO B 193 10.00 26.07 11.32
N LEU B 194 9.51 27.18 11.87
CA LEU B 194 9.66 27.41 13.33
C LEU B 194 8.88 26.40 14.17
N THR B 195 7.66 26.09 13.76
CA THR B 195 6.89 25.07 14.47
C THR B 195 7.67 23.76 14.53
N ALA B 196 8.30 23.40 13.43
CA ALA B 196 9.04 22.13 13.37
C ALA B 196 10.27 22.14 14.29
N LEU B 197 10.98 23.26 14.29
CA LEU B 197 12.09 23.40 15.20
C LEU B 197 11.67 23.26 16.67
N ALA B 198 10.56 23.88 17.04
CA ALA B 198 10.06 23.77 18.39
C ALA B 198 9.67 22.31 18.75
N CYS B 199 8.92 21.67 17.83
CA CYS B 199 8.54 20.28 18.04
C CYS B 199 9.74 19.40 18.24
N ALA B 200 10.75 19.59 17.38
CA ALA B 200 11.94 18.76 17.41
C ALA B 200 12.70 18.95 18.71
N ALA B 201 12.79 20.20 19.16
CA ALA B 201 13.46 20.48 20.44
C ALA B 201 12.79 19.83 21.64
N LEU B 202 11.45 19.83 21.66
CA LEU B 202 10.71 19.18 22.74
C LEU B 202 10.91 17.67 22.67
N LEU B 203 10.84 17.11 21.48
CA LEU B 203 11.09 15.66 21.36
C LEU B 203 12.55 15.30 21.75
N ASP B 204 13.52 16.13 21.41
CA ASP B 204 14.90 15.89 21.84
C ASP B 204 15.06 15.89 23.37
N LEU B 205 14.32 16.75 24.08
CA LEU B 205 14.25 16.70 25.53
C LEU B 205 13.69 15.38 26.03
N ALA B 206 12.61 14.91 25.43
CA ALA B 206 12.04 13.65 25.83
C ALA B 206 13.04 12.52 25.63
N ILE B 207 13.71 12.55 24.48
CA ILE B 207 14.76 11.56 24.12
C ILE B 207 15.83 11.55 25.21
N ALA B 208 16.32 12.72 25.58
CA ALA B 208 17.30 12.82 26.68
C ALA B 208 16.76 12.25 27.98
N ASP B 209 15.54 12.61 28.36
CA ASP B 209 14.91 12.11 29.57
C ASP B 209 14.78 10.60 29.61
N ALA B 210 14.51 10.02 28.44
CA ALA B 210 14.36 8.59 28.32
C ALA B 210 15.70 7.88 28.13
N GLY B 211 16.80 8.57 27.92
CA GLY B 211 18.06 7.91 27.52
C GLY B 211 18.01 7.19 26.18
N ALA B 212 17.04 7.55 25.33
CA ALA B 212 16.87 6.95 24.00
C ALA B 212 17.96 7.41 23.05
N PRO B 213 18.10 6.74 21.89
CA PRO B 213 19.09 7.24 20.92
C PRO B 213 18.81 8.64 20.38
N LYS B 214 19.87 9.42 20.25
CA LYS B 214 19.74 10.80 19.79
C LYS B 214 19.20 11.01 18.35
N GLY B 215 19.50 10.09 17.46
CA GLY B 215 18.99 10.24 16.09
C GLY B 215 17.56 9.83 15.80
N LEU B 216 16.65 9.72 16.79
CA LEU B 216 15.29 9.22 16.50
C LEU B 216 14.50 10.12 15.57
N ASN B 217 14.71 11.43 15.66
CA ASN B 217 13.97 12.37 14.87
C ASN B 217 14.92 13.50 14.52
N GLN B 218 14.87 13.89 13.27
CA GLN B 218 15.62 15.05 12.80
C GLN B 218 14.84 15.86 11.84
N VAL B 219 15.02 17.17 11.91
CA VAL B 219 14.33 18.09 11.03
C VAL B 219 15.34 18.62 10.01
N VAL B 220 14.95 18.62 8.75
CA VAL B 220 15.76 19.19 7.67
C VAL B 220 15.01 20.39 7.12
N VAL B 221 15.60 21.57 7.28
CA VAL B 221 15.01 22.86 6.86
C VAL B 221 15.60 23.22 5.49
N GLY B 222 14.76 23.57 4.54
CA GLY B 222 15.27 23.83 3.19
C GLY B 222 14.20 23.98 2.16
N ALA B 223 14.64 24.04 0.90
CA ALA B 223 13.80 24.17 -0.28
C ALA B 223 13.53 22.81 -0.95
N ALA B 224 13.01 22.86 -2.17
CA ALA B 224 12.75 21.68 -2.99
C ALA B 224 13.85 20.62 -3.01
N ASP B 225 15.11 21.05 -3.14
CA ASP B 225 16.18 20.07 -3.33
C ASP B 225 16.42 19.20 -2.10
N VAL B 226 16.10 19.74 -0.92
CA VAL B 226 16.21 18.98 0.32
C VAL B 226 15.13 17.90 0.35
N GLY B 227 13.91 18.28 0.00
CA GLY B 227 12.80 17.32 -0.05
C GLY B 227 13.05 16.24 -1.08
N GLU B 228 13.56 16.64 -2.24
CA GLU B 228 13.87 15.65 -3.30
C GLU B 228 14.92 14.63 -2.87
N ARG B 229 15.92 15.08 -2.12
CA ARG B 229 16.98 14.18 -1.69
C ARG B 229 16.43 13.18 -0.70
N LEU B 230 15.51 13.63 0.14
CA LEU B 230 14.90 12.75 1.09
C LEU B 230 14.06 11.67 0.42
N VAL B 231 13.19 12.06 -0.51
CA VAL B 231 12.35 11.18 -1.29
C VAL B 231 13.15 10.10 -2.04
N ASP B 232 14.33 10.49 -2.55
CA ASP B 232 15.11 9.58 -3.38
C ASP B 232 16.04 8.72 -2.59
N SER B 233 16.11 8.86 -1.27
CA SER B 233 17.07 8.07 -0.48
C SER B 233 16.79 6.56 -0.48
N PRO B 234 17.79 5.73 -0.81
CA PRO B 234 17.60 4.29 -0.76
C PRO B 234 17.46 3.74 0.64
N ARG B 235 17.76 4.56 1.66
CA ARG B 235 17.71 4.17 3.06
CA ARG B 235 17.63 4.09 3.03
C ARG B 235 16.39 4.61 3.70
N VAL B 236 15.45 5.13 2.91
CA VAL B 236 14.17 5.63 3.46
C VAL B 236 13.04 4.75 2.89
N PRO B 237 12.67 3.67 3.60
CA PRO B 237 11.69 2.77 3.00
C PRO B 237 10.28 3.25 2.95
N LEU B 238 9.95 4.28 3.73
CA LEU B 238 8.60 4.84 3.73
C LEU B 238 8.71 6.37 3.69
N VAL B 239 7.97 6.95 2.77
CA VAL B 239 7.77 8.37 2.69
C VAL B 239 6.31 8.66 2.89
N SER B 240 6.05 9.50 3.90
CA SER B 240 4.72 10.02 4.16
C SER B 240 4.67 11.48 3.71
N ALA B 241 3.82 11.73 2.72
CA ALA B 241 3.70 13.09 2.14
C ALA B 241 2.28 13.62 2.12
N THR B 242 2.15 14.82 2.68
CA THR B 242 0.90 15.55 2.68
C THR B 242 1.10 16.90 1.96
N GLY B 243 0.18 17.22 1.04
CA GLY B 243 0.14 18.52 0.40
C GLY B 243 -0.79 18.58 -0.79
N ARG B 249 2.77 14.67 -5.37
CA ARG B 249 2.20 14.01 -6.55
C ARG B 249 3.29 13.31 -7.39
N ALA B 250 4.46 13.93 -7.51
CA ALA B 250 5.67 13.29 -8.08
C ALA B 250 6.23 12.18 -7.17
N VAL B 251 5.96 12.31 -5.87
CA VAL B 251 6.50 11.40 -4.84
C VAL B 251 6.15 9.93 -5.09
N GLY B 252 4.89 9.63 -5.41
CA GLY B 252 4.45 8.25 -5.53
C GLY B 252 5.27 7.47 -6.53
N PRO B 253 5.36 7.93 -7.77
CA PRO B 253 6.12 7.14 -8.77
C PRO B 253 7.61 7.07 -8.51
N ARG B 254 8.18 8.17 -8.01
CA ARG B 254 9.60 8.17 -7.68
C ARG B 254 9.98 7.18 -6.59
N VAL B 255 9.16 7.13 -5.55
CA VAL B 255 9.39 6.19 -4.50
C VAL B 255 9.14 4.75 -4.99
N ALA B 256 8.07 4.55 -5.77
CA ALA B 256 7.79 3.22 -6.30
C ALA B 256 8.93 2.69 -7.17
N ALA B 257 9.58 3.61 -7.88
CA ALA B 257 10.69 3.24 -8.76
C ALA B 257 11.87 2.61 -8.02
N ARG B 258 12.05 2.93 -6.74
CA ARG B 258 13.10 2.36 -5.93
C ARG B 258 12.54 1.36 -4.91
N PHE B 259 11.34 0.86 -5.18
CA PHE B 259 10.67 -0.14 -4.36
C PHE B 259 10.47 0.32 -2.91
N GLY B 260 10.27 1.62 -2.71
CA GLY B 260 9.85 2.10 -1.37
C GLY B 260 8.33 2.17 -1.28
N ARG B 261 7.85 2.54 -0.09
CA ARG B 261 6.45 2.62 0.21
C ARG B 261 6.10 4.05 0.40
N THR B 262 4.87 4.44 0.05
CA THR B 262 4.40 5.78 0.35
C THR B 262 3.06 5.78 1.03
N ILE B 263 2.86 6.81 1.85
CA ILE B 263 1.53 7.23 2.34
C ILE B 263 1.31 8.63 1.78
N LEU B 264 0.28 8.79 0.98
CA LEU B 264 0.03 10.04 0.28
C LEU B 264 -1.34 10.54 0.64
N GLU B 265 -1.41 11.79 1.09
CA GLU B 265 -2.65 12.47 1.31
C GLU B 265 -2.52 13.82 0.66
N LEU B 266 -3.07 13.95 -0.54
CA LEU B 266 -2.69 15.05 -1.43
C LEU B 266 -3.66 16.18 -1.65
N GLY B 267 -4.77 16.16 -0.97
CA GLY B 267 -5.70 17.29 -1.03
C GLY B 267 -7.06 16.71 -1.19
N GLY B 268 -8.03 17.60 -1.30
CA GLY B 268 -9.39 17.18 -1.13
C GLY B 268 -10.22 18.20 -1.88
N ASN B 269 -11.37 17.78 -2.38
CA ASN B 269 -12.32 18.67 -3.01
C ASN B 269 -13.67 18.23 -2.47
N ASN B 270 -13.87 18.50 -1.20
CA ASN B 270 -14.87 17.76 -0.42
C ASN B 270 -16.23 18.35 -0.54
N ALA B 271 -17.23 17.48 -0.65
CA ALA B 271 -18.61 17.88 -0.81
C ALA B 271 -19.52 17.45 0.30
N ALA B 272 -20.59 18.19 0.49
CA ALA B 272 -21.71 17.70 1.28
C ALA B 272 -22.98 17.80 0.53
N VAL B 273 -23.84 16.78 0.74
CA VAL B 273 -25.15 16.72 0.13
C VAL B 273 -26.18 17.18 1.14
N VAL B 274 -27.10 18.02 0.71
CA VAL B 274 -28.10 18.58 1.60
C VAL B 274 -29.46 18.18 1.05
N THR B 275 -30.12 17.26 1.75
CA THR B 275 -31.36 16.63 1.29
C THR B 275 -32.57 17.45 1.74
N PRO B 276 -33.75 17.15 1.16
CA PRO B 276 -34.87 18.00 1.59
C PRO B 276 -35.26 17.90 3.05
N SER B 277 -34.92 16.80 3.74
CA SER B 277 -35.25 16.71 5.13
C SER B 277 -34.12 17.21 6.05
N ALA B 278 -33.04 17.76 5.49
CA ALA B 278 -31.94 18.27 6.28
C ALA B 278 -32.43 19.29 7.32
N ASP B 279 -31.86 19.24 8.50
CA ASP B 279 -32.06 20.31 9.50
C ASP B 279 -31.25 21.49 9.05
N LEU B 280 -31.92 22.57 8.61
CA LEU B 280 -31.21 23.67 8.00
C LEU B 280 -30.35 24.48 8.94
N ASP B 281 -30.75 24.62 10.20
CA ASP B 281 -29.87 25.30 11.16
C ASP B 281 -28.57 24.53 11.35
N LEU B 282 -28.67 23.21 11.55
CA LEU B 282 -27.50 22.33 11.65
C LEU B 282 -26.64 22.44 10.40
N THR B 283 -27.29 22.35 9.24
CA THR B 283 -26.56 22.30 7.98
C THR B 283 -25.81 23.61 7.72
N VAL B 284 -26.47 24.75 7.95
CA VAL B 284 -25.84 26.03 7.71
C VAL B 284 -24.65 26.18 8.64
N ASN B 285 -24.81 25.89 9.94
CA ASN B 285 -23.68 26.00 10.84
C ASN B 285 -22.52 25.09 10.39
N ALA B 286 -22.82 23.82 10.14
CA ALA B 286 -21.80 22.84 9.76
C ALA B 286 -21.09 23.33 8.49
N ALA B 287 -21.86 23.79 7.52
CA ALA B 287 -21.28 24.19 6.20
C ALA B 287 -20.40 25.41 6.35
N VAL B 288 -20.90 26.42 7.10
CA VAL B 288 -20.10 27.61 7.29
C VAL B 288 -18.77 27.30 7.96
N PHE B 289 -18.77 26.51 9.02
CA PHE B 289 -17.56 26.20 9.71
C PHE B 289 -16.60 25.36 8.85
N ALA B 290 -17.14 24.41 8.12
CA ALA B 290 -16.29 23.53 7.27
C ALA B 290 -15.79 24.25 6.03
N ALA B 291 -16.52 25.22 5.51
CA ALA B 291 -16.07 25.97 4.31
C ALA B 291 -15.11 27.11 4.64
N ALA B 292 -15.42 27.83 5.73
CA ALA B 292 -14.68 29.05 6.06
C ALA B 292 -13.56 28.80 7.03
N GLY B 293 -13.64 27.75 7.84
CA GLY B 293 -12.62 27.44 8.85
C GLY B 293 -11.23 27.36 8.26
N THR B 294 -10.27 27.91 9.00
CA THR B 294 -8.89 27.88 8.54
C THR B 294 -8.72 28.59 7.17
N ALA B 295 -9.59 29.56 6.92
CA ALA B 295 -9.65 30.33 5.69
C ALA B 295 -9.67 29.35 4.47
N GLY B 296 -10.40 28.23 4.60
CA GLY B 296 -10.51 27.30 3.48
C GLY B 296 -9.26 26.56 3.14
N GLN B 297 -8.31 26.49 4.07
CA GLN B 297 -7.02 25.90 3.82
C GLN B 297 -6.82 24.59 4.56
N ARG B 298 -7.88 23.81 4.72
CA ARG B 298 -7.73 22.43 5.23
C ARG B 298 -7.80 21.48 4.06
N CYS B 299 -7.12 20.34 4.14
CA CYS B 299 -7.31 19.29 3.16
C CYS B 299 -8.80 18.86 3.14
N THR B 300 -9.47 18.97 4.30
CA THR B 300 -10.84 18.55 4.47
C THR B 300 -11.88 19.68 4.36
N THR B 301 -11.46 20.86 3.91
CA THR B 301 -12.37 21.97 3.72
C THR B 301 -13.52 21.59 2.82
N LEU B 302 -14.69 22.06 3.17
CA LEU B 302 -15.90 21.93 2.35
C LEU B 302 -15.85 22.92 1.20
N ARG B 303 -15.80 22.36 -0.02
CA ARG B 303 -15.70 23.17 -1.24
C ARG B 303 -16.92 23.05 -2.13
N ARG B 304 -17.77 22.04 -1.97
CA ARG B 304 -18.89 21.81 -2.85
C ARG B 304 -20.10 21.44 -1.99
N LEU B 305 -21.20 22.13 -2.21
CA LEU B 305 -22.46 21.84 -1.51
C LEU B 305 -23.49 21.45 -2.55
N ILE B 306 -24.00 20.26 -2.43
CA ILE B 306 -24.90 19.65 -3.43
C ILE B 306 -26.28 19.64 -2.78
N VAL B 307 -27.15 20.57 -3.20
CA VAL B 307 -28.38 20.85 -2.44
C VAL B 307 -29.58 20.47 -3.26
N HIS B 308 -30.58 19.88 -2.63
CA HIS B 308 -31.77 19.49 -3.34
C HIS B 308 -32.50 20.76 -3.85
N GLU B 309 -32.96 20.69 -5.11
CA GLU B 309 -33.59 21.83 -5.77
C GLU B 309 -34.75 22.45 -4.99
N ASP B 310 -35.49 21.66 -4.22
CA ASP B 310 -36.64 22.18 -3.43
C ASP B 310 -36.27 23.09 -2.25
N ILE B 311 -35.03 22.98 -1.75
CA ILE B 311 -34.53 23.83 -0.68
C ILE B 311 -33.34 24.70 -1.07
N ALA B 312 -32.92 24.64 -2.34
CA ALA B 312 -31.69 25.29 -2.70
C ALA B 312 -31.74 26.80 -2.52
N ASP B 313 -32.86 27.41 -2.89
CA ASP B 313 -32.95 28.88 -2.71
C ASP B 313 -32.84 29.37 -1.26
N THR B 314 -33.52 28.68 -0.35
CA THR B 314 -33.47 29.01 1.04
C THR B 314 -32.08 28.72 1.65
N VAL B 315 -31.47 27.60 1.23
CA VAL B 315 -30.12 27.33 1.67
C VAL B 315 -29.12 28.38 1.24
N VAL B 316 -29.19 28.78 -0.01
CA VAL B 316 -28.31 29.81 -0.51
C VAL B 316 -28.55 31.18 0.21
N GLU B 317 -29.81 31.49 0.46
CA GLU B 317 -30.13 32.70 1.20
C GLU B 317 -29.52 32.72 2.60
N ARG B 318 -29.62 31.60 3.29
CA ARG B 318 -29.11 31.49 4.64
C ARG B 318 -27.58 31.48 4.68
N LEU B 319 -26.93 30.76 3.72
CA LEU B 319 -25.50 30.84 3.65
C LEU B 319 -24.99 32.21 3.27
N THR B 320 -25.69 32.91 2.39
CA THR B 320 -25.28 34.28 2.02
C THR B 320 -25.24 35.19 3.26
N ALA B 321 -26.30 35.09 4.05
CA ALA B 321 -26.39 35.88 5.28
C ALA B 321 -25.30 35.54 6.26
N ALA B 322 -25.03 34.23 6.42
CA ALA B 322 -23.92 33.82 7.28
C ALA B 322 -22.58 34.29 6.78
N PHE B 323 -22.28 34.12 5.49
CA PHE B 323 -21.00 34.51 4.96
C PHE B 323 -20.75 36.03 5.10
N GLU B 324 -21.82 36.81 4.96
CA GLU B 324 -21.74 38.27 5.12
C GLU B 324 -21.42 38.67 6.55
N ARG B 325 -21.73 37.80 7.53
CA ARG B 325 -21.51 38.05 8.95
C ARG B 325 -20.23 37.43 9.52
N LEU B 326 -19.45 36.70 8.74
CA LEU B 326 -18.27 36.07 9.28
C LEU B 326 -17.26 37.08 9.75
N PRO B 327 -16.75 36.91 10.98
CA PRO B 327 -15.72 37.83 11.47
C PRO B 327 -14.32 37.46 10.99
N ILE B 328 -13.77 38.35 10.17
CA ILE B 328 -12.46 38.17 9.61
C ILE B 328 -11.47 39.08 10.32
N GLY B 329 -10.29 38.62 10.63
CA GLY B 329 -9.32 39.44 11.37
C GLY B 329 -8.14 38.72 11.94
N ASP B 330 -7.46 39.40 12.86
CA ASP B 330 -6.25 38.89 13.47
C ASP B 330 -6.51 37.57 14.19
N PRO B 331 -5.74 36.54 13.86
CA PRO B 331 -6.04 35.22 14.44
C PRO B 331 -5.67 35.08 15.92
N PHE B 332 -4.94 36.06 16.50
CA PHE B 332 -4.77 36.10 17.96
C PHE B 332 -5.96 36.72 18.69
N GLN B 333 -6.93 37.28 17.99
CA GLN B 333 -8.15 37.82 18.63
C GLN B 333 -9.20 36.75 18.67
N ASP B 334 -9.77 36.49 19.86
CA ASP B 334 -10.77 35.46 19.99
C ASP B 334 -12.07 35.70 19.24
N THR B 335 -12.36 36.94 18.91
CA THR B 335 -13.50 37.26 18.09
C THR B 335 -13.38 36.78 16.63
N THR B 336 -12.17 36.53 16.19
CA THR B 336 -11.97 36.15 14.77
C THR B 336 -12.40 34.71 14.49
N LEU B 337 -13.11 34.47 13.39
CA LEU B 337 -13.40 33.13 12.87
C LEU B 337 -12.47 32.83 11.69
N VAL B 338 -12.16 33.83 10.87
CA VAL B 338 -11.38 33.62 9.62
C VAL B 338 -10.15 34.49 9.71
N GLY B 339 -8.99 33.85 9.77
CA GLY B 339 -7.70 34.49 9.69
C GLY B 339 -7.29 34.71 8.21
N PRO B 340 -6.03 35.06 7.97
CA PRO B 340 -5.60 35.38 6.62
C PRO B 340 -5.26 34.14 5.80
N LEU B 341 -5.22 34.32 4.47
CA LEU B 341 -4.58 33.31 3.60
C LEU B 341 -3.10 33.32 3.75
N VAL B 342 -2.44 32.25 3.36
CA VAL B 342 -1.06 32.09 3.69
C VAL B 342 -0.15 33.12 3.03
N ASN B 343 -0.45 33.47 1.77
CA ASN B 343 0.41 34.40 1.03
C ASN B 343 -0.32 35.00 -0.16
N GLU B 344 0.37 35.87 -0.88
CA GLU B 344 -0.23 36.53 -2.02
C GLU B 344 -0.65 35.54 -3.11
N ALA B 345 0.15 34.54 -3.35
CA ALA B 345 -0.16 33.57 -4.36
C ALA B 345 -1.49 32.88 -4.06
N ALA B 346 -1.75 32.64 -2.75
CA ALA B 346 -3.03 32.00 -2.39
C ALA B 346 -4.22 32.88 -2.74
N PHE B 347 -4.08 34.19 -2.48
CA PHE B 347 -5.08 35.16 -2.81
C PHE B 347 -5.31 35.25 -4.34
N GLY B 348 -4.20 35.33 -5.06
CA GLY B 348 -4.25 35.33 -6.55
C GLY B 348 -5.02 34.14 -7.11
N ARG B 349 -4.69 32.96 -6.62
CA ARG B 349 -5.38 31.74 -7.06
C ARG B 349 -6.84 31.77 -6.72
N MET B 350 -7.21 32.30 -5.55
CA MET B 350 -8.59 32.42 -5.20
C MET B 350 -9.36 33.32 -6.18
N ARG B 351 -8.76 34.46 -6.43
CA ARG B 351 -9.41 35.41 -7.32
C ARG B 351 -9.56 34.82 -8.70
N GLU B 352 -8.56 34.09 -9.13
CA GLU B 352 -8.60 33.47 -10.49
C GLU B 352 -9.71 32.44 -10.58
N ALA B 353 -9.88 31.64 -9.49
CA ALA B 353 -10.98 30.69 -9.45
C ALA B 353 -12.35 31.33 -9.50
N VAL B 354 -12.57 32.39 -8.71
CA VAL B 354 -13.83 33.04 -8.70
C VAL B 354 -14.12 33.67 -10.08
N GLU B 355 -13.10 34.26 -10.69
CA GLU B 355 -13.28 34.82 -12.06
C GLU B 355 -13.65 33.73 -13.06
N ARG B 356 -12.98 32.61 -12.99
CA ARG B 356 -13.31 31.47 -13.82
C ARG B 356 -14.73 31.01 -13.58
N ALA B 357 -15.15 30.91 -12.33
CA ALA B 357 -16.48 30.41 -12.06
C ALA B 357 -17.58 31.29 -12.64
N THR B 358 -17.43 32.61 -12.54
CA THR B 358 -18.40 33.52 -13.14
C THR B 358 -18.36 33.44 -14.68
N ALA B 359 -17.19 33.23 -15.27
CA ALA B 359 -17.09 32.96 -16.73
C ALA B 359 -17.69 31.61 -17.16
N GLU B 360 -17.78 30.66 -16.25
CA GLU B 360 -18.40 29.36 -16.53
C GLU B 360 -19.88 29.34 -16.17
N GLY B 361 -20.50 30.50 -15.90
CA GLY B 361 -21.93 30.59 -15.69
C GLY B 361 -22.36 30.73 -14.24
N GLY B 362 -21.38 30.81 -13.33
CA GLY B 362 -21.67 30.99 -11.91
C GLY B 362 -22.08 32.35 -11.46
N THR B 363 -22.72 32.43 -10.31
CA THR B 363 -23.08 33.71 -9.69
C THR B 363 -22.42 33.80 -8.34
N LEU B 364 -21.60 34.81 -8.12
CA LEU B 364 -21.01 35.12 -6.82
C LEU B 364 -22.11 35.65 -5.91
N CYS B 365 -22.47 34.88 -4.87
CA CYS B 365 -23.54 35.28 -3.96
C CYS B 365 -23.07 36.12 -2.76
N ALA B 366 -21.85 35.91 -2.31
CA ALA B 366 -21.29 36.53 -1.12
C ALA B 366 -19.78 36.37 -1.12
N GLY B 367 -19.07 37.34 -0.56
CA GLY B 367 -17.66 37.21 -0.27
C GLY B 367 -16.72 37.41 -1.40
N GLY B 368 -15.47 37.05 -1.18
CA GLY B 368 -14.45 37.12 -2.17
C GLY B 368 -13.63 38.37 -2.08
N GLU B 369 -14.06 39.39 -1.32
CA GLU B 369 -13.29 40.65 -1.35
C GLU B 369 -12.23 40.63 -0.30
N ARG B 370 -11.12 41.27 -0.64
CA ARG B 370 -10.03 41.46 0.28
C ARG B 370 -10.46 42.43 1.39
N GLN B 371 -10.13 42.11 2.64
CA GLN B 371 -10.56 42.88 3.80
C GLN B 371 -9.41 43.75 4.26
N PHE B 372 -9.75 44.98 4.66
CA PHE B 372 -8.79 45.91 5.26
C PHE B 372 -7.34 45.84 4.74
N PRO B 373 -7.15 46.03 3.41
CA PRO B 373 -5.81 45.92 2.86
C PRO B 373 -4.83 46.93 3.48
N ASP B 374 -5.32 48.11 3.85
CA ASP B 374 -4.42 49.14 4.43
C ASP B 374 -3.94 48.81 5.83
N ALA B 375 -4.70 48.01 6.58
CA ALA B 375 -4.27 47.60 7.92
C ALA B 375 -3.01 46.70 7.91
N ALA B 376 -2.72 46.05 6.77
CA ALA B 376 -1.58 45.13 6.65
C ALA B 376 -1.43 44.78 5.17
N PRO B 377 -0.75 45.65 4.42
CA PRO B 377 -0.67 45.53 2.98
C PRO B 377 0.01 44.27 2.47
N GLY B 378 0.86 43.65 3.30
CA GLY B 378 1.53 42.42 2.92
C GLY B 378 0.75 41.14 3.27
N ALA B 379 -0.40 41.28 3.91
CA ALA B 379 -1.25 40.15 4.34
C ALA B 379 -2.57 40.13 3.58
N TYR B 380 -3.12 38.94 3.42
CA TYR B 380 -4.27 38.71 2.58
C TYR B 380 -5.39 38.12 3.36
N TYR B 381 -6.17 38.99 3.98
CA TYR B 381 -7.41 38.66 4.65
C TYR B 381 -8.54 38.75 3.66
N VAL B 382 -9.31 37.69 3.49
CA VAL B 382 -10.40 37.67 2.52
C VAL B 382 -11.67 37.10 3.12
N ARG B 383 -12.82 37.59 2.66
CA ARG B 383 -14.11 37.03 3.04
C ARG B 383 -14.34 35.75 2.19
N PRO B 384 -14.59 34.60 2.84
CA PRO B 384 -14.99 33.42 2.06
C PRO B 384 -16.06 33.69 1.00
N ALA B 385 -15.89 33.08 -0.17
CA ALA B 385 -16.77 33.24 -1.33
C ALA B 385 -17.82 32.11 -1.42
N LEU B 386 -19.04 32.44 -1.77
CA LEU B 386 -20.15 31.52 -2.00
C LEU B 386 -20.57 31.75 -3.43
N VAL B 387 -20.51 30.70 -4.24
CA VAL B 387 -20.76 30.79 -5.70
C VAL B 387 -21.80 29.75 -6.10
N ARG B 388 -22.94 30.18 -6.63
CA ARG B 388 -23.89 29.29 -7.14
C ARG B 388 -23.52 28.88 -8.58
N MET B 389 -23.43 27.57 -8.86
CA MET B 389 -23.03 27.07 -10.19
C MET B 389 -24.14 26.29 -10.88
N PRO B 390 -24.22 26.43 -12.22
CA PRO B 390 -25.23 25.71 -12.99
C PRO B 390 -24.91 24.25 -13.27
N ALA B 391 -23.67 23.85 -13.06
CA ALA B 391 -23.24 22.50 -13.28
C ALA B 391 -21.90 22.39 -12.60
N GLN B 392 -21.38 21.17 -12.51
CA GLN B 392 -20.05 20.96 -11.98
C GLN B 392 -19.00 21.11 -13.07
N THR B 393 -18.64 22.35 -13.33
CA THR B 393 -17.75 22.69 -14.42
C THR B 393 -16.33 22.53 -13.97
N ALA B 394 -15.39 22.80 -14.89
CA ALA B 394 -14.02 22.61 -14.64
C ALA B 394 -13.50 23.20 -13.33
N VAL B 395 -13.89 24.42 -13.04
CA VAL B 395 -13.37 25.12 -11.87
C VAL B 395 -13.86 24.46 -10.54
N VAL B 396 -15.02 23.87 -10.64
CA VAL B 396 -15.59 23.16 -9.49
C VAL B 396 -14.87 21.85 -9.23
N ARG B 397 -14.47 21.18 -10.31
CA ARG B 397 -13.82 19.91 -10.20
C ARG B 397 -12.37 19.99 -9.77
N GLU B 398 -11.70 21.10 -9.95
CA GLU B 398 -10.28 21.19 -9.57
C GLU B 398 -10.23 22.09 -8.36
N GLU B 399 -9.71 21.60 -7.24
CA GLU B 399 -9.78 22.42 -6.02
C GLU B 399 -8.76 23.60 -6.05
N THR B 400 -9.21 24.68 -5.45
CA THR B 400 -8.39 25.82 -5.15
C THR B 400 -8.29 25.87 -3.62
N PHE B 401 -7.09 26.06 -3.08
CA PHE B 401 -6.88 26.00 -1.62
C PHE B 401 -7.21 27.40 -1.06
N ALA B 402 -8.51 27.65 -1.01
CA ALA B 402 -9.03 28.94 -0.64
C ALA B 402 -10.46 28.73 -0.24
N PRO B 403 -11.04 29.70 0.50
CA PRO B 403 -12.41 29.53 0.90
C PRO B 403 -13.36 29.95 -0.20
N ILE B 404 -13.76 28.96 -1.00
CA ILE B 404 -14.78 29.09 -2.03
C ILE B 404 -15.68 27.90 -1.86
N LEU B 405 -16.95 28.17 -1.68
CA LEU B 405 -18.00 27.15 -1.64
C LEU B 405 -18.91 27.22 -2.83
N TYR B 406 -18.84 26.24 -3.69
CA TYR B 406 -19.69 26.10 -4.87
C TYR B 406 -20.95 25.42 -4.53
N VAL B 407 -22.09 25.98 -4.93
CA VAL B 407 -23.37 25.39 -4.66
C VAL B 407 -23.96 24.82 -5.94
N LEU B 408 -24.26 23.55 -5.92
CA LEU B 408 -24.87 22.79 -7.03
C LEU B 408 -26.22 22.23 -6.61
N THR B 409 -27.13 22.05 -7.55
CA THR B 409 -28.44 21.47 -7.25
C THR B 409 -28.61 20.08 -7.80
N TYR B 410 -29.53 19.34 -7.19
CA TYR B 410 -29.88 17.97 -7.62
C TYR B 410 -31.34 17.73 -7.32
N ARG B 411 -31.87 16.66 -7.91
CA ARG B 411 -33.18 16.11 -7.54
C ARG B 411 -33.15 14.70 -6.99
N ASP B 412 -32.51 13.76 -7.70
CA ASP B 412 -32.47 12.37 -7.27
C ASP B 412 -31.21 12.08 -6.50
N LEU B 413 -31.30 11.34 -5.41
CA LEU B 413 -30.10 11.14 -4.59
C LEU B 413 -28.97 10.47 -5.34
N ASP B 414 -29.28 9.54 -6.26
CA ASP B 414 -28.19 8.90 -6.99
C ASP B 414 -27.40 9.91 -7.82
N GLU B 415 -28.05 10.98 -8.25
CA GLU B 415 -27.36 12.03 -8.97
C GLU B 415 -26.51 12.92 -8.03
N ALA B 416 -26.99 13.22 -6.82
CA ALA B 416 -26.12 13.86 -5.77
C ALA B 416 -24.88 13.01 -5.53
N ILE B 417 -25.06 11.71 -5.45
CA ILE B 417 -23.93 10.82 -5.22
C ILE B 417 -22.98 10.85 -6.41
N ARG B 418 -23.51 10.81 -7.63
CA ARG B 418 -22.67 10.90 -8.80
C ARG B 418 -21.92 12.23 -8.83
N LEU B 419 -22.56 13.34 -8.51
CA LEU B 419 -21.87 14.61 -8.44
C LEU B 419 -20.74 14.60 -7.38
N ASN B 420 -21.01 13.98 -6.23
CA ASN B 420 -19.98 13.88 -5.23
C ASN B 420 -18.76 13.16 -5.78
N ASN B 421 -19.02 12.03 -6.44
CA ASN B 421 -18.00 11.11 -6.84
C ASN B 421 -17.24 11.49 -8.14
N GLU B 422 -17.78 12.43 -8.91
CA GLU B 422 -17.28 12.74 -10.26
C GLU B 422 -15.92 13.39 -10.31
N VAL B 423 -15.43 13.93 -9.20
CA VAL B 423 -14.18 14.72 -9.18
C VAL B 423 -12.96 13.82 -8.99
N PRO B 424 -11.77 14.32 -9.32
CA PRO B 424 -10.61 13.44 -9.19
C PRO B 424 -10.15 13.14 -7.76
N GLN B 425 -10.51 14.00 -6.82
CA GLN B 425 -10.12 13.90 -5.41
C GLN B 425 -11.13 12.96 -4.70
N GLY B 426 -10.76 12.43 -3.55
CA GLY B 426 -11.68 11.53 -2.86
C GLY B 426 -11.44 11.47 -1.36
N LEU B 427 -11.35 12.65 -0.73
CA LEU B 427 -10.96 12.66 0.68
C LEU B 427 -12.19 12.47 1.56
N SER B 428 -13.09 13.46 1.63
CA SER B 428 -14.23 13.34 2.57
C SER B 428 -15.53 13.77 1.91
N ALA B 429 -16.64 13.31 2.46
CA ALA B 429 -17.97 13.66 2.00
C ALA B 429 -18.92 13.60 3.18
N GLY B 430 -20.00 14.38 3.13
CA GLY B 430 -21.05 14.31 4.16
C GLY B 430 -22.44 14.40 3.57
N ILE B 431 -23.42 13.87 4.29
CA ILE B 431 -24.82 14.01 3.92
C ILE B 431 -25.56 14.58 5.09
N PHE B 432 -26.41 15.58 4.83
CA PHE B 432 -27.31 16.19 5.83
C PHE B 432 -28.71 15.74 5.50
N THR B 433 -29.28 14.97 6.41
CA THR B 433 -30.58 14.36 6.17
C THR B 433 -31.19 13.86 7.49
N ALA B 434 -32.50 13.87 7.55
CA ALA B 434 -33.22 13.21 8.62
C ALA B 434 -33.72 11.85 8.19
N ASP B 435 -33.46 11.44 6.96
CA ASP B 435 -33.99 10.21 6.38
C ASP B 435 -33.01 9.03 6.54
N GLN B 436 -33.47 8.00 7.25
CA GLN B 436 -32.64 6.86 7.59
C GLN B 436 -32.10 6.20 6.33
N SER B 437 -32.93 6.07 5.31
CA SER B 437 -32.50 5.34 4.12
CA SER B 437 -32.53 5.34 4.11
C SER B 437 -31.52 6.16 3.28
N GLU B 438 -31.72 7.47 3.18
CA GLU B 438 -30.78 8.33 2.46
C GLU B 438 -29.43 8.29 3.13
N ALA B 439 -29.39 8.32 4.48
CA ALA B 439 -28.13 8.29 5.18
C ALA B 439 -27.38 6.98 4.80
N GLU B 440 -28.10 5.88 4.88
CA GLU B 440 -27.50 4.56 4.60
C GLU B 440 -27.07 4.45 3.13
N ARG B 441 -27.88 4.99 2.22
CA ARG B 441 -27.52 4.93 0.80
C ARG B 441 -26.20 5.66 0.51
N PHE B 442 -26.01 6.78 1.18
CA PHE B 442 -24.82 7.60 1.00
C PHE B 442 -23.57 6.85 1.41
N LEU B 443 -23.68 5.99 2.43
CA LEU B 443 -22.54 5.24 2.95
C LEU B 443 -22.35 3.88 2.34
N ALA B 444 -23.31 3.46 1.54
CA ALA B 444 -23.32 2.14 0.91
C ALA B 444 -22.20 1.98 -0.15
N PRO B 445 -21.93 0.74 -0.59
CA PRO B 445 -20.89 0.53 -1.60
C PRO B 445 -21.06 1.32 -2.92
N ASP B 446 -22.29 1.61 -3.28
CA ASP B 446 -22.60 2.48 -4.43
C ASP B 446 -22.90 3.93 -4.04
N GLY B 447 -22.54 4.31 -2.84
CA GLY B 447 -22.72 5.68 -2.38
C GLY B 447 -21.49 6.51 -2.58
N ALA B 448 -21.26 7.45 -1.68
CA ALA B 448 -20.07 8.26 -1.76
C ALA B 448 -18.81 7.41 -1.75
N ASP B 449 -17.86 7.74 -2.62
CA ASP B 449 -16.63 6.96 -2.90
C ASP B 449 -15.40 7.42 -2.09
N CYS B 450 -15.58 8.32 -1.12
CA CYS B 450 -14.45 8.94 -0.48
C CYS B 450 -13.90 8.09 0.66
N GLY B 451 -12.75 8.50 1.15
CA GLY B 451 -12.14 7.82 2.27
C GLY B 451 -12.88 8.05 3.59
N ILE B 452 -13.49 9.19 3.69
CA ILE B 452 -14.27 9.61 4.87
C ILE B 452 -15.66 9.90 4.33
N ALA B 453 -16.70 9.28 4.88
CA ALA B 453 -18.11 9.56 4.47
C ALA B 453 -18.99 9.63 5.72
N ASN B 454 -19.61 10.79 5.97
CA ASN B 454 -20.24 11.12 7.25
C ASN B 454 -21.70 11.49 7.08
N VAL B 455 -22.45 11.34 8.18
CA VAL B 455 -23.88 11.68 8.21
C VAL B 455 -24.07 12.79 9.26
N ASN B 456 -24.63 13.91 8.80
CA ASN B 456 -25.00 15.04 9.68
C ASN B 456 -23.82 15.68 10.44
N ILE B 457 -22.64 15.56 9.83
CA ILE B 457 -21.44 16.25 10.29
C ILE B 457 -20.67 16.51 9.02
N GLY B 458 -19.93 17.60 9.02
CA GLY B 458 -19.23 18.06 7.79
C GLY B 458 -17.95 17.30 7.41
N THR B 459 -17.29 17.85 6.41
CA THR B 459 -16.19 17.13 5.74
C THR B 459 -14.91 17.14 6.59
N SER B 460 -14.86 17.92 7.68
CA SER B 460 -13.74 17.87 8.62
C SER B 460 -14.07 16.95 9.80
N GLY B 461 -15.19 16.26 9.75
CA GLY B 461 -15.59 15.32 10.83
C GLY B 461 -14.72 14.08 10.80
N ALA B 462 -13.67 14.14 11.60
CA ALA B 462 -12.73 13.03 11.72
C ALA B 462 -12.07 13.14 13.07
N GLU B 463 -11.44 12.06 13.50
CA GLU B 463 -10.81 12.06 14.81
C GLU B 463 -9.70 11.03 14.89
N ILE B 464 -8.88 11.15 15.95
CA ILE B 464 -7.66 10.36 16.10
C ILE B 464 -7.84 8.87 15.97
N GLY B 465 -8.94 8.34 16.47
CA GLY B 465 -9.18 6.90 16.42
C GLY B 465 -9.56 6.30 15.08
N GLY B 466 -9.95 7.19 14.13
CA GLY B 466 -10.23 6.77 12.72
C GLY B 466 -8.97 6.86 11.83
N ALA B 467 -8.90 5.94 10.88
CA ALA B 467 -7.91 6.04 9.84
C ALA B 467 -8.22 7.26 8.98
N PHE B 468 -7.21 8.09 8.72
CA PHE B 468 -7.45 9.33 8.02
C PHE B 468 -6.76 9.31 6.66
N GLY B 469 -7.54 9.57 5.61
CA GLY B 469 -7.00 9.70 4.28
C GLY B 469 -8.06 9.45 3.25
N GLY B 470 -7.64 9.44 1.98
CA GLY B 470 -8.63 9.40 0.91
C GLY B 470 -8.24 8.54 -0.26
N GLU B 471 -9.11 8.57 -1.24
CA GLU B 471 -9.02 7.72 -2.40
C GLU B 471 -8.76 8.54 -3.66
N LYS B 472 -8.62 7.80 -4.78
CA LYS B 472 -8.47 8.46 -6.07
C LYS B 472 -7.23 9.37 -6.07
N GLU B 473 -7.29 10.59 -6.61
CA GLU B 473 -6.09 11.44 -6.63
C GLU B 473 -5.69 11.99 -5.27
N THR B 474 -6.49 11.74 -4.24
CA THR B 474 -6.03 12.05 -2.89
C THR B 474 -4.84 11.16 -2.50
N GLY B 475 -4.74 9.96 -3.10
CA GLY B 475 -3.50 9.18 -3.01
C GLY B 475 -3.52 7.86 -2.30
N GLY B 476 -4.59 7.58 -1.57
CA GLY B 476 -4.75 6.23 -0.99
C GLY B 476 -4.20 5.98 0.40
N GLY B 477 -3.40 6.89 0.93
CA GLY B 477 -2.73 6.64 2.21
C GLY B 477 -3.72 6.71 3.36
N ARG B 478 -3.35 6.09 4.50
CA ARG B 478 -4.06 6.34 5.74
C ARG B 478 -3.04 6.62 6.84
N GLU B 479 -3.46 7.52 7.72
CA GLU B 479 -2.67 7.96 8.89
C GLU B 479 -3.53 7.96 10.12
N SER B 480 -2.86 8.05 11.26
CA SER B 480 -3.51 8.19 12.56
C SER B 480 -4.10 6.88 13.10
N GLY B 481 -5.42 6.71 13.04
CA GLY B 481 -6.10 5.68 13.83
C GLY B 481 -6.33 4.34 13.17
N SER B 482 -7.25 3.58 13.78
CA SER B 482 -7.44 2.14 13.43
C SER B 482 -6.10 1.46 13.31
N ASP B 483 -5.90 0.73 12.24
CA ASP B 483 -4.60 0.03 11.99
C ASP B 483 -3.72 0.65 10.88
N ALA B 484 -3.79 1.97 10.78
CA ALA B 484 -2.86 2.71 9.95
C ALA B 484 -1.40 2.46 10.28
N TRP B 485 -1.09 2.13 11.55
CA TRP B 485 0.26 1.81 11.99
C TRP B 485 0.91 0.71 11.11
N ARG B 486 0.12 -0.15 10.51
CA ARG B 486 0.73 -1.25 9.69
C ARG B 486 1.59 -0.72 8.53
N ALA B 487 1.32 0.48 8.05
CA ALA B 487 2.13 1.05 6.98
C ALA B 487 3.51 1.43 7.43
N TYR B 488 3.75 1.42 8.75
CA TYR B 488 5.03 1.77 9.32
C TYR B 488 5.86 0.55 9.72
N MET B 489 5.36 -0.65 9.41
CA MET B 489 6.06 -1.88 9.77
C MET B 489 6.04 -2.84 8.57
N ARG B 490 6.82 -3.89 8.71
CA ARG B 490 6.80 -4.96 7.71
C ARG B 490 6.24 -6.25 8.31
N ARG B 491 5.35 -6.89 7.55
CA ARG B 491 4.72 -8.13 7.92
C ARG B 491 5.67 -9.28 7.61
N ALA B 492 5.77 -10.24 8.53
CA ALA B 492 6.46 -11.48 8.22
C ALA B 492 5.50 -12.62 8.46
N THR B 493 5.55 -13.63 7.61
CA THR B 493 4.76 -14.85 7.77
C THR B 493 5.75 -15.94 8.17
N ASN B 494 5.53 -16.56 9.31
CA ASN B 494 6.52 -17.49 9.89
C ASN B 494 5.91 -18.87 10.09
N THR B 495 6.48 -19.86 9.42
CA THR B 495 6.05 -21.29 9.63
C THR B 495 7.20 -21.95 10.39
N VAL B 496 6.84 -22.63 11.49
CA VAL B 496 7.80 -23.28 12.36
C VAL B 496 7.48 -24.77 12.37
N ASN B 497 8.46 -25.58 11.97
CA ASN B 497 8.34 -27.03 12.01
C ASN B 497 8.98 -27.55 13.26
N TYR B 498 8.23 -28.28 14.07
CA TYR B 498 8.78 -28.92 15.26
C TYR B 498 8.63 -30.44 15.21
N SER B 499 8.30 -30.99 14.03
CA SER B 499 8.01 -32.38 13.83
C SER B 499 9.26 -33.19 13.49
N GLY B 500 10.35 -32.56 13.06
CA GLY B 500 11.52 -33.27 12.54
C GLY B 500 11.35 -33.96 11.17
N ARG B 501 10.25 -33.72 10.46
CA ARG B 501 9.95 -34.37 9.18
C ARG B 501 9.62 -33.29 8.13
N VAL B 502 9.84 -33.59 6.84
CA VAL B 502 9.44 -32.70 5.75
C VAL B 502 8.02 -33.05 5.27
N THR B 503 7.06 -32.18 5.62
CA THR B 503 5.67 -32.23 5.11
C THR B 503 5.39 -31.05 4.17
N LEU B 504 5.24 -31.35 2.87
CA LEU B 504 4.99 -30.30 1.85
C LEU B 504 3.50 -29.97 1.75
N ALA B 505 3.19 -28.75 1.32
CA ALA B 505 1.79 -28.33 1.17
C ALA B 505 1.23 -28.91 -0.14
#